data_7CZC
#
_entry.id   7CZC
#
_cell.length_a   58.459
_cell.length_b   91.320
_cell.length_c   94.158
_cell.angle_alpha   90.000
_cell.angle_beta   103.220
_cell.angle_gamma   90.000
#
_symmetry.space_group_name_H-M   'P 1 21 1'
#
loop_
_entity.id
_entity.type
_entity.pdbx_description
1 polymer '3-oxoacyl-ACP reductase FabG'
2 non-polymer DI(HYDROXYETHYL)ETHER
3 water water
#
_entity_poly.entity_id   1
_entity_poly.type   'polypeptide(L)'
_entity_poly.pdbx_seq_one_letter_code
;MTRQVLVTGASKGIGKAIAVQLAKDGFHIVVHYMGDQQGAQNTLETIEQHGGSGRLIQFDISNREECRTKLEADIAEHGA
YYGVVNNAGITRDTAFPAMTEEEWDGVIHTNLDSFYNVLHPCVMPMVQKRKGGRIVTLASVSGLMGNRGQTNYSAAKAGV
IGATKSLALELAKRKITVNCVAPGLIDTGMVDEHVKEHAMPQIPLRRMGEPEEVAGLVSYLMSDIAGYVTRQVISVNGGL
V
;
_entity_poly.pdbx_strand_id   A,B,C,D
#
loop_
_chem_comp.id
_chem_comp.type
_chem_comp.name
_chem_comp.formula
PEG non-polymer DI(HYDROXYETHYL)ETHER 'C4 H10 O3'
#
# COMPACT_ATOMS: atom_id res chain seq x y z
N MET A 1 14.17 -13.64 -36.02
CA MET A 1 13.41 -12.74 -35.11
C MET A 1 13.32 -13.32 -33.70
N THR A 2 14.46 -13.81 -33.19
CA THR A 2 14.50 -14.37 -31.85
C THR A 2 14.42 -13.25 -30.81
N ARG A 3 13.78 -13.56 -29.69
CA ARG A 3 13.65 -12.61 -28.59
C ARG A 3 14.56 -13.07 -27.46
N GLN A 4 15.53 -12.23 -27.11
CA GLN A 4 16.54 -12.56 -26.13
C GLN A 4 16.20 -11.94 -24.78
N VAL A 5 16.44 -12.71 -23.72
CA VAL A 5 16.13 -12.31 -22.35
C VAL A 5 17.36 -12.55 -21.50
N LEU A 6 17.91 -11.48 -20.94
CA LEU A 6 18.98 -11.56 -19.96
C LEU A 6 18.39 -11.92 -18.60
N VAL A 7 19.00 -12.90 -17.93
CA VAL A 7 18.57 -13.31 -16.58
C VAL A 7 19.82 -13.32 -15.69
N THR A 8 19.90 -12.35 -14.77
CA THR A 8 21.05 -12.33 -13.86
C THR A 8 20.84 -13.31 -12.71
N GLY A 9 21.96 -13.80 -12.16
CA GLY A 9 21.90 -14.77 -11.09
C GLY A 9 21.30 -16.10 -11.50
N ALA A 10 21.44 -16.47 -12.77
CA ALA A 10 20.73 -17.62 -13.32
C ALA A 10 21.48 -18.93 -13.10
N SER A 11 22.53 -18.93 -12.30
CA SER A 11 23.24 -20.17 -12.05
C SER A 11 22.60 -21.00 -10.94
N LYS A 12 21.60 -20.47 -10.25
CA LYS A 12 21.06 -21.17 -9.09
C LYS A 12 19.68 -20.65 -8.72
N GLY A 13 18.93 -21.50 -8.03
CA GLY A 13 17.73 -21.07 -7.34
C GLY A 13 16.72 -20.37 -8.22
N ILE A 14 16.23 -19.24 -7.72
CA ILE A 14 15.17 -18.51 -8.42
C ILE A 14 15.63 -18.10 -9.82
N GLY A 15 16.86 -17.59 -9.93
CA GLY A 15 17.37 -17.21 -11.22
C GLY A 15 17.37 -18.36 -12.21
N LYS A 16 17.86 -19.52 -11.76
CA LYS A 16 17.87 -20.71 -12.59
C LYS A 16 16.47 -21.07 -13.05
N ALA A 17 15.50 -21.07 -12.13
CA ALA A 17 14.14 -21.47 -12.47
C ALA A 17 13.53 -20.51 -13.46
N ILE A 18 13.85 -19.21 -13.34
CA ILE A 18 13.35 -18.23 -14.30
C ILE A 18 13.96 -18.49 -15.67
N ALA A 19 15.27 -18.71 -15.72
CA ALA A 19 15.92 -18.98 -17.00
C ALA A 19 15.30 -20.18 -17.68
N VAL A 20 15.05 -21.24 -16.91
CA VAL A 20 14.50 -22.46 -17.49
C VAL A 20 13.09 -22.22 -18.02
N GLN A 21 12.22 -21.60 -17.20
CA GLN A 21 10.86 -21.38 -17.64
C GLN A 21 10.81 -20.47 -18.86
N LEU A 22 11.61 -19.40 -18.86
CA LEU A 22 11.56 -18.49 -20.00
C LEU A 22 12.07 -19.15 -21.27
N ALA A 23 13.08 -20.02 -21.16
CA ALA A 23 13.50 -20.80 -22.34
C ALA A 23 12.35 -21.67 -22.82
N LYS A 24 11.62 -22.30 -21.89
CA LYS A 24 10.47 -23.10 -22.28
C LYS A 24 9.42 -22.22 -22.95
N ASP A 25 9.28 -20.97 -22.51
CA ASP A 25 8.36 -20.04 -23.14
C ASP A 25 8.76 -19.67 -24.57
N GLY A 26 9.98 -19.99 -24.99
CA GLY A 26 10.44 -19.68 -26.33
C GLY A 26 11.47 -18.58 -26.41
N PHE A 27 11.86 -17.98 -25.29
CA PHE A 27 12.88 -16.94 -25.31
C PHE A 27 14.28 -17.57 -25.37
N HIS A 28 15.20 -16.85 -26.01
CA HIS A 28 16.62 -17.20 -26.02
C HIS A 28 17.24 -16.59 -24.76
N ILE A 29 17.67 -17.43 -23.82
CA ILE A 29 18.05 -16.95 -22.48
C ILE A 29 19.55 -16.68 -22.42
N VAL A 30 19.92 -15.46 -22.03
CA VAL A 30 21.30 -15.14 -21.70
C VAL A 30 21.47 -15.40 -20.21
N VAL A 31 22.11 -16.53 -19.90
CA VAL A 31 22.33 -17.03 -18.54
C VAL A 31 23.56 -16.32 -17.99
N HIS A 32 23.34 -15.40 -17.07
CA HIS A 32 24.45 -14.68 -16.50
C HIS A 32 24.95 -15.34 -15.23
N TYR A 33 26.26 -15.24 -15.01
CA TYR A 33 26.81 -15.61 -13.70
C TYR A 33 28.03 -14.74 -13.42
N MET A 34 28.49 -14.82 -12.18
CA MET A 34 29.69 -14.11 -11.75
C MET A 34 30.87 -15.04 -11.51
N GLY A 35 30.72 -16.00 -10.59
CA GLY A 35 31.75 -16.99 -10.36
C GLY A 35 31.26 -18.42 -10.54
N ASP A 36 29.95 -18.64 -10.48
CA ASP A 36 29.39 -19.99 -10.48
C ASP A 36 29.17 -20.46 -11.93
N GLN A 37 30.28 -20.66 -12.63
CA GLN A 37 30.18 -21.12 -14.01
C GLN A 37 29.51 -22.49 -14.10
N GLN A 38 29.80 -23.37 -13.14
CA GLN A 38 29.23 -24.70 -13.16
C GLN A 38 27.70 -24.64 -13.09
N GLY A 39 27.17 -23.84 -12.16
CA GLY A 39 25.73 -23.68 -12.09
C GLY A 39 25.15 -23.15 -13.37
N ALA A 40 25.74 -22.08 -13.91
CA ALA A 40 25.27 -21.50 -15.17
C ALA A 40 25.25 -22.54 -16.30
N GLN A 41 26.31 -23.35 -16.39
CA GLN A 41 26.37 -24.39 -17.41
C GLN A 41 25.26 -25.41 -17.20
N ASN A 42 24.98 -25.78 -15.95
CA ASN A 42 23.87 -26.70 -15.68
C ASN A 42 22.55 -26.09 -16.12
N THR A 43 22.37 -24.79 -15.88
CA THR A 43 21.16 -24.11 -16.32
C THR A 43 21.02 -24.21 -17.82
N LEU A 44 22.08 -23.88 -18.56
CA LEU A 44 22.01 -23.91 -20.02
C LEU A 44 21.76 -25.34 -20.52
N GLU A 45 22.37 -26.33 -19.86
CA GLU A 45 22.15 -27.72 -20.23
C GLU A 45 20.67 -28.08 -20.10
N THR A 46 20.06 -27.74 -18.95
CA THR A 46 18.63 -27.99 -18.78
C THR A 46 17.82 -27.25 -19.83
N ILE A 47 18.18 -26.01 -20.12
CA ILE A 47 17.50 -25.24 -21.16
C ILE A 47 17.47 -26.04 -22.47
N GLU A 48 18.60 -26.60 -22.85
CA GLU A 48 18.65 -27.33 -24.12
C GLU A 48 17.95 -28.68 -24.01
N GLN A 49 17.96 -29.29 -22.83
CA GLN A 49 17.26 -30.57 -22.64
C GLN A 49 15.78 -30.42 -22.93
N HIS A 50 15.20 -29.27 -22.62
CA HIS A 50 13.78 -29.02 -22.85
C HIS A 50 13.49 -28.53 -24.26
N GLY A 51 14.49 -28.44 -25.12
CA GLY A 51 14.31 -27.92 -26.46
C GLY A 51 14.53 -26.44 -26.62
N GLY A 52 14.98 -25.75 -25.57
CA GLY A 52 15.21 -24.33 -25.63
C GLY A 52 16.62 -24.00 -26.11
N SER A 53 16.98 -22.73 -25.95
CA SER A 53 18.29 -22.27 -26.35
C SER A 53 18.67 -21.03 -25.56
N GLY A 54 19.97 -20.77 -25.53
CA GLY A 54 20.50 -19.63 -24.81
C GLY A 54 22.00 -19.64 -24.90
N ARG A 55 22.62 -18.78 -24.10
CA ARG A 55 24.08 -18.70 -24.04
C ARG A 55 24.47 -18.14 -22.69
N LEU A 56 25.75 -18.29 -22.35
CA LEU A 56 26.23 -17.78 -21.07
C LEU A 56 26.84 -16.38 -21.20
N ILE A 57 26.93 -15.70 -20.07
CA ILE A 57 27.63 -14.41 -20.00
C ILE A 57 28.10 -14.23 -18.56
N GLN A 58 29.26 -13.59 -18.40
CA GLN A 58 29.89 -13.46 -17.10
C GLN A 58 30.22 -12.01 -16.80
N PHE A 59 29.81 -11.55 -15.63
CA PHE A 59 30.25 -10.26 -15.12
C PHE A 59 29.88 -10.17 -13.64
N ASP A 60 30.48 -9.19 -12.97
CA ASP A 60 30.19 -8.87 -11.58
C ASP A 60 29.20 -7.70 -11.58
N ILE A 61 27.98 -7.96 -11.09
CA ILE A 61 26.94 -6.93 -11.11
C ILE A 61 27.39 -5.71 -10.32
N SER A 62 28.28 -5.87 -9.34
CA SER A 62 28.76 -4.76 -8.53
C SER A 62 29.85 -3.95 -9.22
N ASN A 63 30.45 -4.46 -10.30
CA ASN A 63 31.49 -3.76 -11.04
C ASN A 63 30.80 -3.08 -12.22
N ARG A 64 30.56 -1.78 -12.10
CA ARG A 64 29.75 -1.08 -13.09
C ARG A 64 30.40 -1.07 -14.46
N GLU A 65 31.70 -0.81 -14.52
CA GLU A 65 32.37 -0.74 -15.82
C GLU A 65 32.43 -2.11 -16.47
N GLU A 66 32.62 -3.17 -15.67
CA GLU A 66 32.61 -4.51 -16.24
C GLU A 66 31.23 -4.86 -16.77
N CYS A 67 30.17 -4.54 -16.02
CA CYS A 67 28.82 -4.75 -16.50
C CYS A 67 28.62 -4.08 -17.85
N ARG A 68 28.96 -2.79 -17.93
CA ARG A 68 28.74 -2.05 -19.18
C ARG A 68 29.54 -2.68 -20.32
N THR A 69 30.81 -3.01 -20.08
CA THR A 69 31.64 -3.53 -21.16
C THR A 69 31.11 -4.85 -21.67
N LYS A 70 30.85 -5.80 -20.77
CA LYS A 70 30.36 -7.11 -21.22
C LYS A 70 28.99 -7.00 -21.85
N LEU A 71 28.07 -6.24 -21.25
CA LEU A 71 26.73 -6.15 -21.82
C LEU A 71 26.73 -5.45 -23.17
N GLU A 72 27.52 -4.37 -23.32
CA GLU A 72 27.51 -3.66 -24.59
C GLU A 72 28.17 -4.50 -25.67
N ALA A 73 29.19 -5.30 -25.32
CA ALA A 73 29.79 -6.21 -26.31
C ALA A 73 28.81 -7.31 -26.70
N ASP A 74 28.07 -7.85 -25.72
CA ASP A 74 27.08 -8.88 -26.02
C ASP A 74 25.98 -8.34 -26.93
N ILE A 75 25.49 -7.12 -26.65
CA ILE A 75 24.47 -6.50 -27.48
C ILE A 75 25.03 -6.17 -28.87
N ALA A 76 26.30 -5.77 -28.95
CA ALA A 76 26.91 -5.55 -30.25
C ALA A 76 26.90 -6.82 -31.07
N GLU A 77 27.30 -7.93 -30.45
CA GLU A 77 27.40 -9.19 -31.20
C GLU A 77 26.03 -9.73 -31.60
N HIS A 78 25.08 -9.75 -30.66
CA HIS A 78 23.83 -10.47 -30.87
C HIS A 78 22.60 -9.60 -31.01
N GLY A 79 22.70 -8.29 -30.79
CA GLY A 79 21.54 -7.43 -30.75
C GLY A 79 21.00 -7.23 -29.35
N ALA A 80 20.13 -6.25 -29.22
CA ALA A 80 19.64 -5.84 -27.91
C ALA A 80 18.70 -6.89 -27.32
N TYR A 81 18.69 -6.97 -26.00
CA TYR A 81 17.75 -7.85 -25.33
C TYR A 81 16.33 -7.31 -25.47
N TYR A 82 15.37 -8.23 -25.65
CA TYR A 82 13.97 -7.89 -25.55
C TYR A 82 13.54 -7.80 -24.09
N GLY A 83 14.09 -8.67 -23.24
CA GLY A 83 13.79 -8.65 -21.83
C GLY A 83 15.03 -8.69 -20.95
N VAL A 84 14.93 -8.04 -19.81
CA VAL A 84 15.94 -8.14 -18.76
C VAL A 84 15.24 -8.50 -17.46
N VAL A 85 15.73 -9.55 -16.80
CA VAL A 85 15.28 -9.97 -15.47
C VAL A 85 16.44 -9.73 -14.51
N ASN A 86 16.27 -8.80 -13.59
CA ASN A 86 17.30 -8.40 -12.63
C ASN A 86 17.01 -9.12 -11.32
N ASN A 87 17.66 -10.28 -11.18
CA ASN A 87 17.35 -11.22 -10.10
C ASN A 87 18.44 -11.34 -9.06
N ALA A 88 19.70 -11.14 -9.43
CA ALA A 88 20.79 -11.35 -8.49
C ALA A 88 20.65 -10.40 -7.30
N GLY A 89 21.02 -10.90 -6.12
CA GLY A 89 21.01 -10.12 -4.89
C GLY A 89 21.34 -10.98 -3.68
N ILE A 90 22.05 -10.42 -2.71
CA ILE A 90 22.49 -11.17 -1.54
C ILE A 90 21.81 -10.62 -0.29
N THR A 91 21.97 -11.35 0.82
CA THR A 91 21.57 -10.90 2.15
C THR A 91 22.75 -10.96 3.11
N ARG A 92 22.79 -10.02 4.05
CA ARG A 92 23.74 -10.06 5.18
C ARG A 92 22.94 -9.67 6.42
N ASP A 93 22.13 -10.62 6.92
CA ASP A 93 21.24 -10.35 8.03
C ASP A 93 22.02 -10.13 9.32
N THR A 94 21.54 -9.19 10.13
CA THR A 94 22.18 -8.85 11.40
C THR A 94 21.37 -7.75 12.06
N ALA A 95 21.48 -7.67 13.38
CA ALA A 95 20.92 -6.53 14.10
C ALA A 95 21.56 -5.25 13.60
N PHE A 96 20.75 -4.19 13.41
CA PHE A 96 21.29 -2.94 12.88
C PHE A 96 22.37 -2.36 13.78
N PRO A 97 22.21 -2.30 15.10
CA PRO A 97 23.32 -1.81 15.93
C PRO A 97 24.60 -2.62 15.78
N ALA A 98 24.50 -3.91 15.53
CA ALA A 98 25.67 -4.77 15.32
C ALA A 98 26.15 -4.77 13.88
N MET A 99 25.41 -4.17 12.96
CA MET A 99 25.73 -4.27 11.55
C MET A 99 27.00 -3.50 11.20
N THR A 100 27.87 -4.13 10.41
CA THR A 100 29.12 -3.51 10.00
C THR A 100 28.93 -2.69 8.74
N GLU A 101 29.96 -1.92 8.39
CA GLU A 101 29.93 -1.16 7.15
C GLU A 101 29.77 -2.08 5.94
N GLU A 102 30.55 -3.17 5.91
CA GLU A 102 30.49 -4.12 4.81
C GLU A 102 29.09 -4.75 4.69
N GLU A 103 28.48 -5.08 5.82
CA GLU A 103 27.16 -5.71 5.80
C GLU A 103 26.11 -4.78 5.20
N TRP A 104 26.21 -3.48 5.46
CA TRP A 104 25.30 -2.51 4.83
C TRP A 104 25.62 -2.34 3.35
N ASP A 105 26.87 -1.99 3.06
CA ASP A 105 27.26 -1.59 1.71
C ASP A 105 27.11 -2.74 0.72
N GLY A 106 27.54 -3.95 1.10
CA GLY A 106 27.44 -5.07 0.18
C GLY A 106 26.01 -5.33 -0.25
N VAL A 107 25.07 -5.24 0.70
CA VAL A 107 23.68 -5.49 0.38
C VAL A 107 23.14 -4.40 -0.52
N ILE A 108 23.41 -3.13 -0.18
CA ILE A 108 22.94 -2.04 -1.03
C ILE A 108 23.51 -2.17 -2.44
N HIS A 109 24.83 -2.39 -2.55
CA HIS A 109 25.50 -2.45 -3.83
C HIS A 109 24.93 -3.57 -4.69
N THR A 110 24.93 -4.80 -4.17
CA THR A 110 24.55 -5.93 -5.00
C THR A 110 23.06 -5.89 -5.31
N ASN A 111 22.24 -5.44 -4.36
CA ASN A 111 20.80 -5.51 -4.57
C ASN A 111 20.29 -4.30 -5.35
N LEU A 112 20.72 -3.09 -4.95
CA LEU A 112 20.12 -1.87 -5.48
C LEU A 112 20.96 -1.22 -6.58
N ASP A 113 22.27 -1.09 -6.38
CA ASP A 113 23.10 -0.48 -7.41
C ASP A 113 23.07 -1.30 -8.69
N SER A 114 22.76 -2.60 -8.60
CA SER A 114 22.64 -3.45 -9.78
C SER A 114 21.53 -2.98 -10.71
N PHE A 115 20.53 -2.28 -10.17
CA PHE A 115 19.52 -1.67 -11.02
C PHE A 115 20.17 -0.78 -12.08
N TYR A 116 21.05 0.13 -11.64
CA TYR A 116 21.76 0.98 -12.58
C TYR A 116 22.77 0.18 -13.39
N ASN A 117 23.57 -0.66 -12.73
CA ASN A 117 24.71 -1.28 -13.39
C ASN A 117 24.26 -2.22 -14.50
N VAL A 118 23.18 -2.97 -14.28
CA VAL A 118 22.70 -3.89 -15.32
C VAL A 118 21.73 -3.21 -16.27
N LEU A 119 20.81 -2.36 -15.78
CA LEU A 119 19.78 -1.87 -16.67
C LEU A 119 20.24 -0.70 -17.52
N HIS A 120 21.16 0.13 -17.03
CA HIS A 120 21.53 1.32 -17.78
C HIS A 120 22.14 1.00 -19.14
N PRO A 121 23.01 -0.01 -19.28
CA PRO A 121 23.51 -0.36 -20.61
C PRO A 121 22.49 -1.05 -21.50
N CYS A 122 21.34 -1.46 -20.94
CA CYS A 122 20.39 -2.27 -21.67
C CYS A 122 19.18 -1.50 -22.17
N VAL A 123 18.89 -0.33 -21.61
CA VAL A 123 17.60 0.31 -21.84
C VAL A 123 17.53 0.91 -23.24
N MET A 124 18.46 1.79 -23.59
CA MET A 124 18.35 2.46 -24.88
C MET A 124 18.45 1.51 -26.06
N PRO A 125 19.31 0.48 -26.04
CA PRO A 125 19.23 -0.51 -27.13
C PRO A 125 17.89 -1.20 -27.18
N MET A 126 17.28 -1.47 -26.03
CA MET A 126 15.92 -2.01 -26.01
C MET A 126 14.96 -1.04 -26.70
N VAL A 127 15.02 0.24 -26.32
CA VAL A 127 14.11 1.24 -26.87
C VAL A 127 14.32 1.37 -28.37
N GLN A 128 15.57 1.32 -28.83
CA GLN A 128 15.88 1.62 -30.22
C GLN A 128 15.38 0.53 -31.16
N LYS A 129 15.27 -0.71 -30.68
CA LYS A 129 14.74 -1.77 -31.52
C LYS A 129 13.26 -1.56 -31.85
N ARG A 130 12.60 -0.65 -31.12
CA ARG A 130 11.22 -0.27 -31.41
C ARG A 130 10.30 -1.49 -31.53
N LYS A 131 10.54 -2.49 -30.68
CA LYS A 131 9.71 -3.69 -30.64
C LYS A 131 9.13 -3.93 -29.25
N GLY A 132 9.05 -2.89 -28.41
CA GLY A 132 8.59 -3.06 -27.05
C GLY A 132 9.68 -3.71 -26.19
N GLY A 133 9.25 -4.26 -25.06
CA GLY A 133 10.19 -4.94 -24.20
C GLY A 133 9.63 -5.24 -22.83
N ARG A 134 10.50 -5.82 -22.02
CA ARG A 134 10.12 -6.31 -20.70
C ARG A 134 11.29 -6.14 -19.74
N ILE A 135 11.03 -5.53 -18.59
CA ILE A 135 12.01 -5.44 -17.52
C ILE A 135 11.31 -5.91 -16.25
N VAL A 136 11.89 -6.90 -15.60
CA VAL A 136 11.35 -7.44 -14.36
C VAL A 136 12.47 -7.42 -13.34
N THR A 137 12.27 -6.70 -12.25
CA THR A 137 13.20 -6.68 -11.13
C THR A 137 12.69 -7.61 -10.04
N LEU A 138 13.59 -7.97 -9.12
CA LEU A 138 13.22 -8.82 -8.00
C LEU A 138 13.38 -8.07 -6.68
N ALA A 139 12.33 -8.04 -5.87
CA ALA A 139 12.43 -7.45 -4.54
C ALA A 139 12.17 -8.53 -3.49
N SER A 140 11.37 -8.23 -2.48
CA SER A 140 11.09 -9.20 -1.42
C SER A 140 9.97 -8.67 -0.55
N VAL A 141 9.25 -9.58 0.12
CA VAL A 141 8.28 -9.15 1.11
C VAL A 141 8.94 -8.29 2.16
N SER A 142 10.21 -8.55 2.46
CA SER A 142 11.00 -7.69 3.32
C SER A 142 10.99 -6.24 2.84
N GLY A 143 11.09 -6.02 1.53
CA GLY A 143 11.03 -4.68 1.00
C GLY A 143 9.69 -4.01 1.15
N LEU A 144 8.62 -4.79 1.29
CA LEU A 144 7.30 -4.20 1.44
C LEU A 144 6.99 -3.88 2.89
N MET A 145 7.42 -4.78 3.80
CA MET A 145 6.92 -4.76 5.17
C MET A 145 7.98 -4.54 6.24
N GLY A 146 9.25 -4.50 5.88
CA GLY A 146 10.32 -4.57 6.86
C GLY A 146 10.43 -5.93 7.51
N ASN A 147 11.61 -6.19 8.09
CA ASN A 147 11.86 -7.47 8.74
C ASN A 147 13.06 -7.33 9.68
N ARG A 148 12.92 -7.85 10.90
CA ARG A 148 14.00 -7.74 11.87
C ARG A 148 15.27 -8.36 11.29
N GLY A 149 16.40 -7.72 11.55
CA GLY A 149 17.68 -8.15 11.07
C GLY A 149 17.95 -7.87 9.61
N GLN A 150 17.06 -7.15 8.93
CA GLN A 150 17.20 -6.90 7.51
C GLN A 150 16.98 -5.43 7.18
N THR A 151 17.47 -4.52 8.03
CA THR A 151 17.43 -3.11 7.66
C THR A 151 18.09 -2.88 6.31
N ASN A 152 19.22 -3.55 6.08
CA ASN A 152 19.97 -3.38 4.84
C ASN A 152 19.21 -3.98 3.66
N TYR A 153 18.76 -5.24 3.78
CA TYR A 153 18.08 -5.91 2.67
C TYR A 153 16.74 -5.27 2.39
N SER A 154 15.97 -4.94 3.44
CA SER A 154 14.69 -4.29 3.23
C SER A 154 14.88 -2.95 2.56
N ALA A 155 15.96 -2.21 2.92
CA ALA A 155 16.23 -0.94 2.27
C ALA A 155 16.55 -1.14 0.78
N ALA A 156 17.43 -2.09 0.48
CA ALA A 156 17.84 -2.29 -0.91
C ALA A 156 16.67 -2.75 -1.77
N LYS A 157 15.85 -3.67 -1.26
CA LYS A 157 14.74 -4.19 -2.07
C LYS A 157 13.60 -3.20 -2.20
N ALA A 158 13.28 -2.46 -1.12
CA ALA A 158 12.32 -1.37 -1.25
C ALA A 158 12.81 -0.35 -2.27
N GLY A 159 14.12 -0.07 -2.26
CA GLY A 159 14.68 0.82 -3.26
C GLY A 159 14.50 0.29 -4.67
N VAL A 160 14.67 -1.02 -4.85
CA VAL A 160 14.44 -1.60 -6.17
C VAL A 160 13.00 -1.35 -6.60
N ILE A 161 12.05 -1.48 -5.67
CA ILE A 161 10.65 -1.23 -6.00
C ILE A 161 10.46 0.20 -6.50
N GLY A 162 11.02 1.17 -5.77
CA GLY A 162 10.83 2.56 -6.16
C GLY A 162 11.47 2.90 -7.50
N ALA A 163 12.70 2.42 -7.72
CA ALA A 163 13.34 2.59 -9.02
C ALA A 163 12.51 1.97 -10.14
N THR A 164 11.94 0.77 -9.89
CA THR A 164 11.20 0.07 -10.91
C THR A 164 9.95 0.84 -11.30
N LYS A 165 9.21 1.36 -10.31
CA LYS A 165 8.03 2.15 -10.64
C LYS A 165 8.39 3.41 -11.44
N SER A 166 9.45 4.10 -11.02
CA SER A 166 9.88 5.29 -11.78
C SER A 166 10.20 4.93 -13.23
N LEU A 167 11.03 3.90 -13.44
CA LEU A 167 11.39 3.53 -14.79
C LEU A 167 10.17 3.09 -15.60
N ALA A 168 9.19 2.48 -14.95
CA ALA A 168 7.95 2.15 -15.65
C ALA A 168 7.31 3.39 -16.24
N LEU A 169 7.19 4.45 -15.43
CA LEU A 169 6.68 5.71 -15.96
C LEU A 169 7.51 6.16 -17.16
N GLU A 170 8.84 6.08 -17.05
CA GLU A 170 9.70 6.65 -18.08
C GLU A 170 9.59 5.90 -19.40
N LEU A 171 9.46 4.56 -19.35
CA LEU A 171 9.53 3.74 -20.54
C LEU A 171 8.18 3.33 -21.09
N ALA A 172 7.08 3.68 -20.42
CA ALA A 172 5.77 3.25 -20.93
C ALA A 172 5.51 3.71 -22.37
N LYS A 173 6.00 4.88 -22.78
CA LYS A 173 5.66 5.34 -24.13
C LYS A 173 6.37 4.55 -25.23
N ARG A 174 7.34 3.71 -24.88
CA ARG A 174 7.94 2.79 -25.85
C ARG A 174 7.36 1.39 -25.75
N LYS A 175 6.25 1.22 -25.03
CA LYS A 175 5.62 -0.08 -24.86
C LYS A 175 6.55 -1.09 -24.17
N ILE A 176 7.36 -0.60 -23.25
CA ILE A 176 8.20 -1.46 -22.43
C ILE A 176 7.60 -1.49 -21.02
N THR A 177 7.10 -2.65 -20.61
CA THR A 177 6.58 -2.80 -19.25
C THR A 177 7.73 -3.00 -18.28
N VAL A 178 7.62 -2.37 -17.12
CA VAL A 178 8.59 -2.48 -16.04
C VAL A 178 7.81 -2.83 -14.78
N ASN A 179 8.08 -4.01 -14.24
CA ASN A 179 7.39 -4.50 -13.06
C ASN A 179 8.39 -5.16 -12.12
N CYS A 180 7.95 -5.36 -10.89
CA CYS A 180 8.77 -5.94 -9.84
C CYS A 180 8.04 -7.11 -9.21
N VAL A 181 8.78 -8.19 -8.98
CA VAL A 181 8.26 -9.40 -8.36
C VAL A 181 8.83 -9.46 -6.95
N ALA A 182 7.94 -9.56 -5.96
CA ALA A 182 8.35 -9.61 -4.56
C ALA A 182 8.02 -10.98 -3.97
N PRO A 183 8.93 -11.94 -4.03
CA PRO A 183 8.65 -13.23 -3.40
C PRO A 183 8.64 -13.14 -1.89
N GLY A 184 7.90 -14.06 -1.26
CA GLY A 184 7.97 -14.25 0.17
C GLY A 184 9.14 -15.13 0.52
N LEU A 185 8.94 -16.12 1.40
CA LEU A 185 10.02 -17.04 1.77
C LEU A 185 10.03 -18.21 0.78
N ILE A 186 11.12 -18.34 0.04
CA ILE A 186 11.26 -19.32 -1.03
C ILE A 186 12.28 -20.37 -0.60
N ASP A 187 11.94 -21.63 -0.82
CA ASP A 187 12.85 -22.74 -0.52
C ASP A 187 13.84 -22.91 -1.66
N THR A 188 15.10 -22.51 -1.42
CA THR A 188 16.16 -22.68 -2.42
C THR A 188 17.24 -23.64 -1.93
N GLY A 189 16.87 -24.55 -1.03
CA GLY A 189 17.79 -25.59 -0.58
C GLY A 189 18.54 -25.24 0.70
N MET A 200 6.12 -22.86 10.41
CA MET A 200 6.14 -21.55 9.76
C MET A 200 4.75 -20.93 9.81
N PRO A 201 4.30 -20.58 11.01
CA PRO A 201 2.89 -20.23 11.20
C PRO A 201 2.49 -18.83 10.74
N GLN A 202 3.43 -17.98 10.31
CA GLN A 202 3.05 -16.65 9.85
C GLN A 202 2.66 -16.62 8.37
N ILE A 203 2.89 -17.70 7.63
CA ILE A 203 2.51 -17.78 6.22
C ILE A 203 1.16 -18.45 6.13
N PRO A 204 0.12 -17.78 5.61
CA PRO A 204 -1.20 -18.43 5.51
C PRO A 204 -1.20 -19.76 4.78
N LEU A 205 -0.49 -19.88 3.65
CA LEU A 205 -0.45 -21.16 2.97
C LEU A 205 0.39 -22.19 3.70
N ARG A 206 1.03 -21.81 4.81
CA ARG A 206 1.67 -22.76 5.71
C ARG A 206 2.76 -23.58 5.03
N ARG A 207 3.43 -23.00 4.04
CA ARG A 207 4.58 -23.62 3.41
C ARG A 207 5.44 -22.53 2.79
N MET A 208 6.65 -22.91 2.42
CA MET A 208 7.52 -22.04 1.65
C MET A 208 7.15 -22.08 0.18
N GLY A 209 7.46 -21.02 -0.54
CA GLY A 209 7.30 -21.03 -1.98
C GLY A 209 8.40 -21.85 -2.66
N GLU A 210 8.13 -22.19 -3.93
CA GLU A 210 9.09 -22.89 -4.75
C GLU A 210 9.71 -21.96 -5.79
N PRO A 211 10.97 -22.18 -6.17
CA PRO A 211 11.58 -21.32 -7.22
C PRO A 211 10.76 -21.25 -8.50
N GLU A 212 10.16 -22.37 -8.90
CA GLU A 212 9.32 -22.39 -10.07
C GLU A 212 8.08 -21.51 -9.89
N GLU A 213 7.62 -21.33 -8.65
CA GLU A 213 6.44 -20.49 -8.43
C GLU A 213 6.75 -19.01 -8.63
N VAL A 214 8.00 -18.61 -8.38
CA VAL A 214 8.44 -17.27 -8.74
C VAL A 214 8.58 -17.16 -10.25
N ALA A 215 9.23 -18.16 -10.85
CA ALA A 215 9.41 -18.15 -12.30
C ALA A 215 8.09 -18.09 -13.03
N GLY A 216 7.03 -18.69 -12.49
CA GLY A 216 5.75 -18.65 -13.17
C GLY A 216 5.20 -17.24 -13.30
N LEU A 217 5.37 -16.43 -12.25
CA LEU A 217 4.94 -15.05 -12.29
C LEU A 217 5.83 -14.24 -13.22
N VAL A 218 7.15 -14.48 -13.19
CA VAL A 218 8.02 -13.79 -14.13
C VAL A 218 7.63 -14.15 -15.56
N SER A 219 7.30 -15.42 -15.79
CA SER A 219 6.84 -15.89 -17.09
C SER A 219 5.60 -15.14 -17.55
N TYR A 220 4.58 -15.09 -16.69
CA TYR A 220 3.41 -14.29 -17.02
C TYR A 220 3.83 -12.87 -17.44
N LEU A 221 4.64 -12.19 -16.62
CA LEU A 221 4.98 -10.80 -16.93
C LEU A 221 5.73 -10.67 -18.25
N MET A 222 6.57 -11.67 -18.59
CA MET A 222 7.29 -11.65 -19.85
C MET A 222 6.40 -11.93 -21.05
N SER A 223 5.19 -12.44 -20.83
CA SER A 223 4.32 -12.85 -21.92
C SER A 223 3.69 -11.65 -22.61
N ASP A 224 3.36 -11.83 -23.90
CA ASP A 224 2.80 -10.75 -24.70
C ASP A 224 1.49 -10.23 -24.12
N ILE A 225 0.65 -11.11 -23.58
CA ILE A 225 -0.64 -10.71 -23.05
C ILE A 225 -0.53 -9.87 -21.79
N ALA A 226 0.66 -9.75 -21.20
CA ALA A 226 0.88 -8.91 -20.03
C ALA A 226 1.30 -7.49 -20.40
N GLY A 227 1.11 -7.09 -21.65
CA GLY A 227 1.58 -5.80 -22.12
C GLY A 227 0.91 -4.61 -21.49
N TYR A 228 -0.23 -4.80 -20.81
CA TYR A 228 -0.90 -3.69 -20.16
C TYR A 228 -0.63 -3.61 -18.66
N VAL A 229 0.22 -4.49 -18.15
CA VAL A 229 0.62 -4.49 -16.75
C VAL A 229 2.00 -3.85 -16.66
N THR A 230 2.08 -2.70 -15.97
CA THR A 230 3.33 -1.99 -15.79
C THR A 230 3.25 -1.15 -14.53
N ARG A 231 4.43 -0.85 -13.97
CA ARG A 231 4.57 -0.10 -12.72
C ARG A 231 4.03 -0.87 -11.51
N GLN A 232 3.95 -2.18 -11.60
CA GLN A 232 3.40 -3.00 -10.53
C GLN A 232 4.49 -3.70 -9.74
N VAL A 233 4.24 -3.87 -8.43
CA VAL A 233 5.00 -4.79 -7.59
C VAL A 233 4.03 -5.90 -7.17
N ILE A 234 4.27 -7.11 -7.66
CA ILE A 234 3.35 -8.23 -7.47
C ILE A 234 4.02 -9.27 -6.60
N SER A 235 3.31 -9.71 -5.57
CA SER A 235 3.87 -10.56 -4.53
C SER A 235 3.49 -12.02 -4.77
N VAL A 236 4.47 -12.91 -4.66
CA VAL A 236 4.26 -14.36 -4.67
C VAL A 236 4.74 -14.86 -3.31
N ASN A 237 3.87 -14.79 -2.29
CA ASN A 237 4.34 -14.91 -0.92
C ASN A 237 3.43 -15.70 0.01
N GLY A 238 2.54 -16.54 -0.53
CA GLY A 238 1.71 -17.36 0.32
C GLY A 238 0.71 -16.62 1.17
N GLY A 239 0.53 -15.33 0.94
CA GLY A 239 -0.42 -14.54 1.71
C GLY A 239 0.16 -13.78 2.88
N LEU A 240 1.48 -13.73 3.00
CA LEU A 240 2.12 -12.99 4.09
C LEU A 240 1.63 -11.55 4.16
N VAL A 241 1.53 -10.90 3.01
CA VAL A 241 1.11 -9.51 2.95
C VAL A 241 0.58 -9.26 1.54
N MET B 1 13.99 16.07 33.20
CA MET B 1 15.13 15.52 32.41
C MET B 1 15.09 16.04 30.98
N THR B 2 16.22 16.55 30.50
CA THR B 2 16.27 17.17 29.18
C THR B 2 16.47 16.11 28.11
N ARG B 3 15.75 16.28 27.01
CA ARG B 3 15.75 15.32 25.91
C ARG B 3 16.30 16.01 24.67
N GLN B 4 17.42 15.48 24.18
CA GLN B 4 18.09 16.03 23.02
C GLN B 4 17.59 15.36 21.75
N VAL B 5 17.40 16.18 20.71
CA VAL B 5 16.93 15.69 19.42
C VAL B 5 17.85 16.23 18.34
N LEU B 6 18.50 15.32 17.61
CA LEU B 6 19.29 15.69 16.44
C LEU B 6 18.36 15.92 15.26
N VAL B 7 18.58 17.01 14.52
CA VAL B 7 17.82 17.33 13.32
C VAL B 7 18.80 17.63 12.20
N THR B 8 18.94 16.69 11.26
CA THR B 8 19.85 16.90 10.15
C THR B 8 19.22 17.87 9.15
N GLY B 9 20.06 18.63 8.45
CA GLY B 9 19.58 19.55 7.44
C GLY B 9 18.71 20.65 8.00
N ALA B 10 19.05 21.13 9.20
CA ALA B 10 18.20 22.07 9.91
C ALA B 10 18.59 23.52 9.67
N SER B 11 19.38 23.80 8.63
CA SER B 11 19.71 25.19 8.30
C SER B 11 18.64 25.86 7.44
N LYS B 12 17.70 25.10 6.88
CA LYS B 12 16.77 25.65 5.91
C LYS B 12 15.50 24.82 5.86
N GLY B 13 14.46 25.44 5.32
CA GLY B 13 13.23 24.76 4.98
C GLY B 13 12.66 23.81 6.01
N ILE B 14 12.47 22.55 5.60
CA ILE B 14 11.78 21.59 6.45
C ILE B 14 12.60 21.29 7.70
N GLY B 15 13.91 21.11 7.56
CA GLY B 15 14.73 20.85 8.73
C GLY B 15 14.68 21.98 9.73
N LYS B 16 14.79 23.21 9.26
CA LYS B 16 14.67 24.38 10.13
C LYS B 16 13.32 24.37 10.85
N ALA B 17 12.22 24.20 10.10
CA ALA B 17 10.91 24.23 10.71
C ALA B 17 10.77 23.15 11.78
N ILE B 18 11.27 21.94 11.49
CA ILE B 18 11.25 20.87 12.48
C ILE B 18 12.03 21.27 13.73
N ALA B 19 13.24 21.80 13.53
CA ALA B 19 14.07 22.18 14.67
C ALA B 19 13.38 23.23 15.53
N VAL B 20 12.79 24.24 14.89
CA VAL B 20 12.16 25.32 15.63
C VAL B 20 10.97 24.79 16.41
N GLN B 21 10.15 23.96 15.77
CA GLN B 21 8.96 23.44 16.43
C GLN B 21 9.32 22.51 17.57
N LEU B 22 10.34 21.65 17.39
CA LEU B 22 10.71 20.73 18.46
C LEU B 22 11.32 21.49 19.64
N ALA B 23 12.11 22.53 19.37
CA ALA B 23 12.58 23.38 20.45
C ALA B 23 11.41 23.98 21.21
N LYS B 24 10.39 24.47 20.48
CA LYS B 24 9.17 24.95 21.13
C LYS B 24 8.51 23.86 21.97
N ASP B 25 8.59 22.61 21.52
CA ASP B 25 8.03 21.50 22.28
C ASP B 25 8.82 21.21 23.55
N GLY B 26 10.00 21.80 23.72
CA GLY B 26 10.81 21.58 24.89
C GLY B 26 12.05 20.74 24.67
N PHE B 27 12.26 20.19 23.48
CA PHE B 27 13.45 19.39 23.22
C PHE B 27 14.66 20.30 23.02
N HIS B 28 15.81 19.84 23.48
CA HIS B 28 17.10 20.47 23.18
C HIS B 28 17.54 20.03 21.79
N ILE B 29 17.63 20.98 20.85
CA ILE B 29 17.83 20.64 19.44
C ILE B 29 19.31 20.70 19.09
N VAL B 30 19.81 19.61 18.52
CA VAL B 30 21.12 19.59 17.88
C VAL B 30 20.89 19.93 16.41
N VAL B 31 21.14 21.19 16.07
CA VAL B 31 20.95 21.74 14.74
C VAL B 31 22.14 21.33 13.89
N HIS B 32 21.93 20.40 12.97
CA HIS B 32 23.02 19.93 12.13
C HIS B 32 23.02 20.68 10.80
N TYR B 33 24.23 20.94 10.30
CA TYR B 33 24.39 21.50 8.97
C TYR B 33 25.64 20.88 8.33
N MET B 34 25.72 21.00 7.01
CA MET B 34 26.92 20.58 6.31
C MET B 34 27.78 21.78 5.94
N GLY B 35 27.27 22.67 5.08
CA GLY B 35 27.99 23.86 4.71
C GLY B 35 27.35 25.15 5.17
N ASP B 36 26.01 25.19 5.25
CA ASP B 36 25.29 26.43 5.51
C ASP B 36 25.33 26.77 7.00
N GLN B 37 26.49 27.27 7.44
CA GLN B 37 26.65 27.61 8.85
C GLN B 37 25.72 28.74 9.27
N GLN B 38 25.57 29.76 8.43
CA GLN B 38 24.76 30.91 8.81
C GLN B 38 23.30 30.51 8.96
N GLY B 39 22.79 29.67 8.06
CA GLY B 39 21.42 29.19 8.22
C GLY B 39 21.23 28.43 9.52
N ALA B 40 22.18 27.57 9.86
CA ALA B 40 22.10 26.80 11.11
C ALA B 40 22.12 27.72 12.32
N GLN B 41 22.99 28.72 12.31
CA GLN B 41 22.99 29.66 13.44
C GLN B 41 21.71 30.49 13.46
N ASN B 42 21.13 30.78 12.30
CA ASN B 42 19.82 31.42 12.26
C ASN B 42 18.77 30.58 12.98
N THR B 43 18.78 29.26 12.70
CA THR B 43 17.85 28.35 13.36
C THR B 43 18.06 28.34 14.87
N LEU B 44 19.31 28.25 15.30
CA LEU B 44 19.59 28.23 16.74
C LEU B 44 19.18 29.56 17.38
N GLU B 45 19.38 30.67 16.68
CA GLU B 45 19.00 31.98 17.24
C GLU B 45 17.49 32.10 17.37
N THR B 46 16.74 31.63 16.37
CA THR B 46 15.28 31.57 16.50
C THR B 46 14.88 30.76 17.74
N ILE B 47 15.45 29.57 17.86
CA ILE B 47 15.18 28.72 19.02
C ILE B 47 15.44 29.50 20.30
N GLU B 48 16.63 30.07 20.40
CA GLU B 48 17.03 30.73 21.64
C GLU B 48 16.12 31.90 21.96
N GLN B 49 15.71 32.66 20.94
CA GLN B 49 14.93 33.86 21.15
C GLN B 49 13.51 33.55 21.57
N HIS B 50 13.01 32.35 21.32
CA HIS B 50 11.73 31.99 21.92
C HIS B 50 11.86 31.14 23.19
N GLY B 51 13.01 31.18 23.82
CA GLY B 51 13.18 30.53 25.11
C GLY B 51 13.54 29.08 25.05
N GLY B 52 14.06 28.59 23.92
CA GLY B 52 14.50 27.22 23.79
C GLY B 52 16.01 27.10 23.90
N SER B 53 16.48 25.86 23.72
CA SER B 53 17.89 25.53 23.87
C SER B 53 18.32 24.65 22.71
N GLY B 54 19.61 24.76 22.35
CA GLY B 54 20.15 23.92 21.31
C GLY B 54 21.63 24.17 21.14
N ARG B 55 22.20 23.46 20.17
CA ARG B 55 23.60 23.61 19.83
C ARG B 55 23.78 23.15 18.38
N LEU B 56 24.83 23.65 17.73
CA LEU B 56 25.11 23.27 16.36
C LEU B 56 25.98 22.01 16.30
N ILE B 57 25.92 21.34 15.15
CA ILE B 57 26.86 20.28 14.82
C ILE B 57 27.03 20.26 13.30
N GLN B 58 28.24 19.95 12.85
CA GLN B 58 28.60 19.97 11.44
C GLN B 58 29.13 18.61 11.02
N PHE B 59 28.61 18.09 9.91
CA PHE B 59 29.19 16.93 9.25
C PHE B 59 28.47 16.77 7.92
N ASP B 60 29.10 16.04 7.00
CA ASP B 60 28.50 15.70 5.72
C ASP B 60 27.90 14.30 5.82
N ILE B 61 26.59 14.19 5.61
CA ILE B 61 25.94 12.89 5.78
C ILE B 61 26.42 11.88 4.73
N SER B 62 27.06 12.36 3.65
CA SER B 62 27.66 11.46 2.67
C SER B 62 28.91 10.79 3.23
N ASN B 63 29.62 11.48 4.11
CA ASN B 63 30.90 11.01 4.66
C ASN B 63 30.61 10.21 5.93
N ARG B 64 30.68 8.88 5.81
CA ARG B 64 30.35 8.03 6.95
C ARG B 64 31.30 8.25 8.12
N GLU B 65 32.59 8.36 7.85
CA GLU B 65 33.58 8.47 8.90
C GLU B 65 33.44 9.80 9.65
N GLU B 66 33.20 10.89 8.91
CA GLU B 66 32.96 12.17 9.55
C GLU B 66 31.71 12.14 10.43
N CYS B 67 30.63 11.53 9.92
CA CYS B 67 29.42 11.36 10.73
C CYS B 67 29.74 10.64 12.02
N ARG B 68 30.42 9.50 11.92
CA ARG B 68 30.72 8.70 13.11
C ARG B 68 31.54 9.51 14.10
N THR B 69 32.63 10.12 13.64
CA THR B 69 33.49 10.86 14.55
C THR B 69 32.73 11.97 15.26
N LYS B 70 32.01 12.79 14.50
CA LYS B 70 31.33 13.93 15.09
C LYS B 70 30.21 13.50 16.03
N LEU B 71 29.43 12.49 15.64
CA LEU B 71 28.32 12.04 16.48
C LEU B 71 28.83 11.37 17.74
N GLU B 72 29.85 10.51 17.63
CA GLU B 72 30.39 9.86 18.82
C GLU B 72 30.97 10.89 19.77
N ALA B 73 31.66 11.92 19.26
CA ALA B 73 32.21 12.95 20.13
C ALA B 73 31.10 13.74 20.81
N ASP B 74 30.09 14.17 20.04
CA ASP B 74 28.99 14.93 20.61
C ASP B 74 28.24 14.14 21.67
N ILE B 75 28.04 12.84 21.43
CA ILE B 75 27.32 12.01 22.38
C ILE B 75 28.17 11.71 23.61
N ALA B 76 29.47 11.46 23.41
CA ALA B 76 30.37 11.31 24.54
C ALA B 76 30.33 12.53 25.44
N GLU B 77 30.26 13.72 24.85
CA GLU B 77 30.30 14.95 25.66
C GLU B 77 28.96 15.26 26.30
N HIS B 78 27.85 15.06 25.58
CA HIS B 78 26.54 15.50 26.06
C HIS B 78 25.56 14.38 26.39
N GLY B 79 25.90 13.13 26.12
CA GLY B 79 24.96 12.04 26.33
C GLY B 79 24.12 11.74 25.10
N ALA B 80 23.51 10.56 25.12
CA ALA B 80 22.80 10.07 23.95
C ALA B 80 21.59 10.94 23.62
N TYR B 81 21.27 11.00 22.33
CA TYR B 81 20.06 11.71 21.90
C TYR B 81 18.83 10.91 22.29
N TYR B 82 17.75 11.64 22.62
CA TYR B 82 16.44 11.03 22.76
C TYR B 82 15.77 10.85 21.40
N GLY B 83 15.98 11.80 20.48
CA GLY B 83 15.37 11.72 19.16
C GLY B 83 16.36 12.01 18.04
N VAL B 84 16.10 11.39 16.89
CA VAL B 84 16.84 11.70 15.67
C VAL B 84 15.86 11.89 14.52
N VAL B 85 15.99 13.02 13.81
CA VAL B 85 15.17 13.34 12.66
C VAL B 85 16.11 13.35 11.45
N ASN B 86 16.04 12.28 10.66
CA ASN B 86 16.89 12.12 9.47
C ASN B 86 16.19 12.80 8.30
N ASN B 87 16.49 14.08 8.14
CA ASN B 87 15.78 14.95 7.21
C ASN B 87 16.61 15.29 5.97
N ALA B 88 17.92 15.46 6.11
CA ALA B 88 18.74 15.98 5.03
C ALA B 88 18.73 15.05 3.82
N GLY B 89 18.80 15.65 2.64
CA GLY B 89 18.84 14.88 1.40
C GLY B 89 19.20 15.76 0.22
N ILE B 90 19.25 15.13 -0.96
CA ILE B 90 19.60 15.80 -2.20
C ILE B 90 18.80 15.17 -3.34
N THR B 91 18.62 15.92 -4.42
CA THR B 91 18.06 15.39 -5.66
C THR B 91 19.05 15.62 -6.81
N ARG B 92 19.13 14.65 -7.71
CA ARG B 92 19.87 14.79 -8.97
C ARG B 92 18.94 14.23 -10.06
N ASP B 93 17.91 15.00 -10.41
CA ASP B 93 16.89 14.52 -11.33
C ASP B 93 17.45 14.34 -12.73
N THR B 94 17.10 13.22 -13.36
CA THR B 94 17.51 12.89 -14.72
C THR B 94 16.64 11.74 -15.21
N ALA B 95 16.38 11.72 -16.52
CA ALA B 95 15.87 10.51 -17.15
C ALA B 95 16.90 9.40 -17.01
N PHE B 96 16.42 8.16 -16.89
CA PHE B 96 17.34 7.07 -16.56
C PHE B 96 18.42 6.87 -17.62
N PRO B 97 18.10 6.84 -18.93
CA PRO B 97 19.18 6.62 -19.92
C PRO B 97 20.27 7.68 -19.88
N ALA B 98 19.93 8.94 -19.62
CA ALA B 98 20.92 10.01 -19.57
C ALA B 98 21.64 10.09 -18.23
N MET B 99 21.13 9.39 -17.21
CA MET B 99 21.70 9.49 -15.86
C MET B 99 23.14 8.99 -15.83
N THR B 100 23.99 9.76 -15.15
CA THR B 100 25.40 9.44 -15.02
C THR B 100 25.62 8.54 -13.81
N GLU B 101 26.82 7.96 -13.74
CA GLU B 101 27.22 7.21 -12.56
C GLU B 101 27.07 8.06 -11.31
N GLU B 102 27.58 9.29 -11.37
CA GLU B 102 27.65 10.13 -10.19
C GLU B 102 26.27 10.62 -9.77
N GLU B 103 25.35 10.80 -10.72
CA GLU B 103 23.99 11.19 -10.34
C GLU B 103 23.25 10.05 -9.64
N TRP B 104 23.50 8.80 -10.04
CA TRP B 104 22.91 7.67 -9.33
C TRP B 104 23.57 7.49 -7.95
N ASP B 105 24.92 7.46 -7.93
CA ASP B 105 25.66 7.17 -6.71
C ASP B 105 25.47 8.26 -5.67
N GLY B 106 25.55 9.53 -6.08
CA GLY B 106 25.42 10.61 -5.12
C GLY B 106 24.09 10.58 -4.40
N VAL B 107 23.02 10.27 -5.13
CA VAL B 107 21.69 10.24 -4.51
C VAL B 107 21.56 9.02 -3.61
N ILE B 108 21.97 7.85 -4.08
CA ILE B 108 21.85 6.67 -3.22
C ILE B 108 22.66 6.86 -1.93
N HIS B 109 23.90 7.31 -2.06
CA HIS B 109 24.81 7.33 -0.91
C HIS B 109 24.66 8.57 -0.05
N THR B 110 23.93 9.59 -0.52
CA THR B 110 23.59 10.69 0.37
C THR B 110 22.23 10.50 1.03
N ASN B 111 21.24 10.01 0.28
CA ASN B 111 19.89 9.89 0.81
C ASN B 111 19.65 8.57 1.52
N LEU B 112 20.16 7.46 0.98
CA LEU B 112 19.88 6.14 1.56
C LEU B 112 20.96 5.71 2.55
N ASP B 113 22.24 5.86 2.18
CA ASP B 113 23.30 5.53 3.12
C ASP B 113 23.22 6.40 4.37
N SER B 114 22.62 7.60 4.25
CA SER B 114 22.41 8.45 5.41
C SER B 114 21.81 7.67 6.57
N PHE B 115 20.85 6.78 6.26
CA PHE B 115 20.25 5.94 7.28
C PHE B 115 21.31 5.29 8.16
N TYR B 116 22.28 4.60 7.55
CA TYR B 116 23.33 3.98 8.33
C TYR B 116 24.27 5.02 8.92
N ASN B 117 24.63 6.05 8.14
CA ASN B 117 25.71 6.93 8.52
C ASN B 117 25.33 7.78 9.72
N VAL B 118 24.07 8.20 9.77
CA VAL B 118 23.61 9.01 10.89
C VAL B 118 23.07 8.14 12.02
N LEU B 119 22.28 7.12 11.71
CA LEU B 119 21.59 6.42 12.78
C LEU B 119 22.45 5.37 13.47
N HIS B 120 23.41 4.76 12.79
CA HIS B 120 24.20 3.74 13.46
C HIS B 120 24.98 4.30 14.65
N PRO B 121 25.63 5.47 14.56
CA PRO B 121 26.25 6.06 15.76
C PRO B 121 25.26 6.40 16.85
N CYS B 122 23.98 6.57 16.53
CA CYS B 122 23.00 7.09 17.48
C CYS B 122 22.13 6.02 18.14
N VAL B 123 21.89 4.88 17.50
CA VAL B 123 20.89 3.95 18.02
C VAL B 123 21.36 3.31 19.33
N MET B 124 22.54 2.69 19.32
CA MET B 124 22.98 1.99 20.53
C MET B 124 23.07 2.92 21.72
N PRO B 125 23.60 4.15 21.61
CA PRO B 125 23.55 5.05 22.78
C PRO B 125 22.13 5.26 23.28
N MET B 126 21.20 5.55 22.37
CA MET B 126 19.79 5.69 22.74
C MET B 126 19.30 4.46 23.48
N VAL B 127 19.48 3.29 22.88
CA VAL B 127 19.06 2.06 23.53
C VAL B 127 19.72 1.93 24.89
N GLN B 128 21.02 2.25 24.98
CA GLN B 128 21.73 2.00 26.23
C GLN B 128 21.20 2.88 27.35
N LYS B 129 20.68 4.07 27.00
CA LYS B 129 20.22 4.99 28.04
C LYS B 129 18.91 4.51 28.65
N ARG B 130 18.22 3.61 27.96
CA ARG B 130 17.03 2.93 28.48
C ARG B 130 15.96 3.93 28.91
N LYS B 131 15.81 4.99 28.11
CA LYS B 131 14.75 5.96 28.31
C LYS B 131 13.74 5.97 27.15
N GLY B 132 13.82 5.02 26.23
CA GLY B 132 13.03 5.06 25.03
C GLY B 132 13.59 6.09 24.07
N GLY B 133 12.80 6.43 23.06
CA GLY B 133 13.28 7.42 22.12
C GLY B 133 12.42 7.46 20.87
N ARG B 134 12.92 8.23 19.90
CA ARG B 134 12.19 8.54 18.69
C ARG B 134 13.16 8.63 17.53
N ILE B 135 12.84 7.95 16.44
CA ILE B 135 13.54 8.14 15.18
C ILE B 135 12.50 8.41 14.12
N VAL B 136 12.69 9.50 13.38
CA VAL B 136 11.79 9.88 12.30
C VAL B 136 12.64 10.14 11.08
N THR B 137 12.43 9.36 10.03
CA THR B 137 13.10 9.60 8.76
C THR B 137 12.16 10.40 7.87
N LEU B 138 12.74 11.07 6.88
CA LEU B 138 11.97 11.87 5.92
C LEU B 138 12.15 11.27 4.54
N ALA B 139 11.06 10.89 3.90
CA ALA B 139 11.07 10.32 2.56
C ALA B 139 10.36 11.29 1.61
N SER B 140 9.44 10.84 0.77
CA SER B 140 8.81 11.68 -0.26
C SER B 140 7.73 10.86 -0.96
N VAL B 141 6.73 11.56 -1.50
CA VAL B 141 5.73 10.90 -2.33
C VAL B 141 6.42 10.18 -3.48
N SER B 142 7.54 10.73 -3.95
CA SER B 142 8.33 10.09 -5.00
C SER B 142 8.71 8.66 -4.62
N GLY B 143 8.98 8.42 -3.33
CA GLY B 143 9.36 7.11 -2.86
C GLY B 143 8.21 6.17 -2.62
N LEU B 144 6.98 6.65 -2.74
CA LEU B 144 5.79 5.81 -2.59
C LEU B 144 5.25 5.31 -3.93
N MET B 145 5.36 6.11 -5.00
CA MET B 145 4.76 5.77 -6.27
C MET B 145 5.69 5.93 -7.47
N GLY B 146 6.89 6.44 -7.28
CA GLY B 146 7.79 6.72 -8.38
C GLY B 146 7.43 8.01 -9.10
N ASN B 147 8.40 8.51 -9.85
CA ASN B 147 8.24 9.79 -10.55
C ASN B 147 9.20 9.83 -11.73
N ARG B 148 8.76 10.43 -12.83
CA ARG B 148 9.60 10.55 -14.00
C ARG B 148 10.86 11.33 -13.66
N GLY B 149 11.99 10.87 -14.18
CA GLY B 149 13.26 11.51 -13.93
C GLY B 149 13.77 11.38 -12.52
N GLN B 150 13.29 10.39 -11.76
CA GLN B 150 13.71 10.23 -10.38
C GLN B 150 13.85 8.76 -10.00
N THR B 151 14.38 7.93 -10.91
CA THR B 151 14.67 6.56 -10.52
C THR B 151 15.61 6.52 -9.32
N ASN B 152 16.61 7.42 -9.28
CA ASN B 152 17.56 7.43 -8.17
C ASN B 152 16.91 7.92 -6.88
N TYR B 153 16.20 9.07 -6.94
CA TYR B 153 15.57 9.61 -5.74
C TYR B 153 14.46 8.70 -5.23
N SER B 154 13.62 8.18 -6.13
CA SER B 154 12.58 7.24 -5.74
C SER B 154 13.19 6.01 -5.08
N ALA B 155 14.30 5.52 -5.63
CA ALA B 155 14.95 4.35 -5.05
C ALA B 155 15.43 4.64 -3.63
N ALA B 156 16.13 5.76 -3.45
CA ALA B 156 16.69 6.09 -2.14
C ALA B 156 15.59 6.29 -1.11
N LYS B 157 14.50 6.97 -1.47
CA LYS B 157 13.47 7.22 -0.47
C LYS B 157 12.63 5.97 -0.18
N ALA B 158 12.32 5.16 -1.20
CA ALA B 158 11.70 3.86 -0.93
C ALA B 158 12.58 3.02 -0.02
N GLY B 159 13.90 3.07 -0.24
CA GLY B 159 14.81 2.34 0.61
C GLY B 159 14.80 2.86 2.04
N VAL B 160 14.75 4.19 2.19
CA VAL B 160 14.64 4.77 3.53
C VAL B 160 13.41 4.21 4.23
N ILE B 161 12.29 4.10 3.51
CA ILE B 161 11.06 3.60 4.11
C ILE B 161 11.23 2.16 4.58
N GLY B 162 11.80 1.31 3.72
CA GLY B 162 11.99 -0.08 4.11
C GLY B 162 12.90 -0.25 5.31
N ALA B 163 14.02 0.49 5.32
CA ALA B 163 14.90 0.48 6.48
C ALA B 163 14.17 0.95 7.73
N THR B 164 13.33 1.99 7.59
CA THR B 164 12.59 2.52 8.73
C THR B 164 11.69 1.45 9.34
N LYS B 165 10.98 0.71 8.49
CA LYS B 165 10.08 -0.33 8.98
C LYS B 165 10.87 -1.43 9.72
N SER B 166 11.97 -1.88 9.12
CA SER B 166 12.76 -2.93 9.75
C SER B 166 13.31 -2.49 11.10
N LEU B 167 13.84 -1.25 11.17
CA LEU B 167 14.39 -0.77 12.43
C LEU B 167 13.29 -0.60 13.48
N ALA B 168 12.10 -0.19 13.04
CA ALA B 168 10.95 -0.13 13.94
C ALA B 168 10.76 -1.49 14.59
N LEU B 169 10.80 -2.56 13.78
CA LEU B 169 10.61 -3.89 14.34
C LEU B 169 11.71 -4.23 15.33
N GLU B 170 12.95 -3.85 15.03
CA GLU B 170 14.05 -4.22 15.93
C GLU B 170 13.98 -3.46 17.25
N LEU B 171 13.56 -2.20 17.22
CA LEU B 171 13.62 -1.37 18.43
C LEU B 171 12.30 -1.30 19.19
N ALA B 172 11.22 -1.88 18.67
CA ALA B 172 9.91 -1.73 19.29
C ALA B 172 9.92 -2.06 20.77
N LYS B 173 10.55 -3.17 21.14
CA LYS B 173 10.61 -3.58 22.55
C LYS B 173 11.48 -2.67 23.38
N ARG B 174 12.33 -1.86 22.77
CA ARG B 174 13.13 -0.88 23.49
C ARG B 174 12.34 0.40 23.76
N LYS B 175 11.04 0.42 23.44
CA LYS B 175 10.20 1.60 23.61
C LYS B 175 10.77 2.79 22.82
N ILE B 176 11.40 2.49 21.68
CA ILE B 176 11.80 3.49 20.69
C ILE B 176 10.89 3.30 19.48
N THR B 177 10.15 4.36 19.11
CA THR B 177 9.36 4.29 17.90
C THR B 177 10.16 4.82 16.71
N VAL B 178 9.91 4.21 15.55
CA VAL B 178 10.66 4.48 14.34
C VAL B 178 9.64 4.65 13.21
N ASN B 179 9.59 5.84 12.63
CA ASN B 179 8.56 6.18 11.66
C ASN B 179 9.18 7.02 10.55
N CYS B 180 8.46 7.10 9.43
CA CYS B 180 8.88 7.88 8.28
C CYS B 180 7.79 8.85 7.89
N VAL B 181 8.17 10.09 7.62
CA VAL B 181 7.26 11.13 7.16
C VAL B 181 7.54 11.37 5.68
N ALA B 182 6.47 11.36 4.87
CA ALA B 182 6.59 11.53 3.42
C ALA B 182 5.86 12.80 2.99
N PRO B 183 6.56 13.92 2.88
CA PRO B 183 5.91 15.15 2.43
C PRO B 183 5.59 15.11 0.94
N GLY B 184 4.53 15.83 0.59
CA GLY B 184 4.25 16.12 -0.81
C GLY B 184 5.16 17.23 -1.29
N LEU B 185 4.64 18.16 -2.10
CA LEU B 185 5.41 19.30 -2.56
C LEU B 185 5.27 20.44 -1.54
N ILE B 186 6.38 20.80 -0.91
CA ILE B 186 6.39 21.81 0.15
C ILE B 186 6.99 23.09 -0.41
N ASP B 187 6.38 24.22 -0.06
CA ASP B 187 6.88 25.53 -0.46
C ASP B 187 8.06 25.89 0.43
N THR B 188 9.27 25.66 -0.06
CA THR B 188 10.47 26.03 0.66
C THR B 188 10.95 27.44 0.32
N GLY B 189 10.18 28.19 -0.47
CA GLY B 189 10.63 29.48 -0.93
C GLY B 189 11.56 29.33 -2.12
N MET B 190 11.57 30.33 -2.99
CA MET B 190 12.32 30.25 -4.23
C MET B 190 12.00 28.97 -5.00
N VAL B 191 10.80 28.41 -4.83
CA VAL B 191 10.49 27.17 -5.53
C VAL B 191 10.11 27.52 -6.97
N ASP B 192 10.65 26.79 -7.93
CA ASP B 192 10.44 26.98 -9.36
C ASP B 192 8.98 26.93 -9.70
N GLU B 193 8.52 27.94 -10.43
CA GLU B 193 7.10 28.11 -10.61
C GLU B 193 6.53 27.18 -11.69
N HIS B 194 7.34 26.83 -12.69
CA HIS B 194 6.87 25.84 -13.68
C HIS B 194 6.57 24.52 -13.00
N VAL B 195 7.52 24.03 -12.18
CA VAL B 195 7.26 22.85 -11.34
C VAL B 195 5.97 23.05 -10.55
N LYS B 196 5.81 24.25 -9.99
CA LYS B 196 4.71 24.52 -9.07
C LYS B 196 3.37 24.23 -9.73
N GLU B 197 2.99 25.00 -10.73
CA GLU B 197 1.64 24.75 -11.24
C GLU B 197 1.60 23.55 -12.19
N HIS B 198 2.76 23.01 -12.65
CA HIS B 198 2.68 21.67 -13.19
C HIS B 198 2.17 20.67 -12.14
N ALA B 199 2.53 20.87 -10.87
CA ALA B 199 2.09 19.95 -9.83
C ALA B 199 0.74 20.30 -9.23
N MET B 200 0.26 21.52 -9.40
CA MET B 200 -0.97 21.92 -8.72
C MET B 200 -2.15 21.01 -9.03
N PRO B 201 -2.44 20.66 -10.29
CA PRO B 201 -3.67 19.86 -10.55
C PRO B 201 -3.61 18.46 -9.98
N GLN B 202 -2.42 17.94 -9.66
CA GLN B 202 -2.33 16.64 -9.02
C GLN B 202 -2.63 16.72 -7.52
N ILE B 203 -2.57 17.91 -6.93
CA ILE B 203 -2.72 18.07 -5.49
C ILE B 203 -4.19 18.46 -5.22
N PRO B 204 -4.98 17.59 -4.60
CA PRO B 204 -6.38 17.97 -4.31
C PRO B 204 -6.53 19.30 -3.58
N LEU B 205 -5.63 19.62 -2.64
CA LEU B 205 -5.76 20.87 -1.91
C LEU B 205 -5.40 22.09 -2.75
N ARG B 206 -4.85 21.90 -3.96
CA ARG B 206 -4.51 23.00 -4.88
C ARG B 206 -3.64 24.05 -4.20
N ARG B 207 -2.69 23.57 -3.39
CA ARG B 207 -1.61 24.42 -2.89
C ARG B 207 -0.47 23.52 -2.46
N MET B 208 0.73 24.09 -2.41
CA MET B 208 1.85 23.41 -1.79
C MET B 208 1.69 23.43 -0.28
N GLY B 209 2.37 22.49 0.37
CA GLY B 209 2.37 22.48 1.82
C GLY B 209 3.37 23.48 2.40
N GLU B 210 3.20 23.79 3.69
CA GLU B 210 4.16 24.66 4.36
C GLU B 210 5.15 23.83 5.18
N PRO B 211 6.40 24.29 5.32
CA PRO B 211 7.35 23.56 6.19
C PRO B 211 6.81 23.32 7.58
N GLU B 212 6.03 24.28 8.10
CA GLU B 212 5.42 24.13 9.40
C GLU B 212 4.44 22.97 9.43
N GLU B 213 3.79 22.67 8.30
CA GLU B 213 2.83 21.57 8.26
C GLU B 213 3.53 20.23 8.37
N VAL B 214 4.74 20.10 7.82
CA VAL B 214 5.55 18.91 8.03
C VAL B 214 6.04 18.85 9.48
N ALA B 215 6.56 19.99 9.97
CA ALA B 215 7.05 20.06 11.34
C ALA B 215 5.97 19.66 12.33
N GLY B 216 4.70 19.98 12.06
CA GLY B 216 3.64 19.61 12.98
C GLY B 216 3.46 18.11 13.13
N LEU B 217 3.62 17.37 12.03
CA LEU B 217 3.49 15.93 12.09
C LEU B 217 4.71 15.31 12.76
N VAL B 218 5.90 15.84 12.47
CA VAL B 218 7.09 15.38 13.20
C VAL B 218 6.90 15.64 14.70
N SER B 219 6.37 16.82 15.04
CA SER B 219 6.12 17.17 16.43
C SER B 219 5.18 16.18 17.08
N TYR B 220 4.11 15.79 16.36
CA TYR B 220 3.22 14.77 16.90
C TYR B 220 3.97 13.46 17.17
N LEU B 221 4.74 12.99 16.18
CA LEU B 221 5.41 11.69 16.34
C LEU B 221 6.40 11.74 17.51
N MET B 222 7.07 12.89 17.69
CA MET B 222 8.02 13.05 18.79
C MET B 222 7.34 13.08 20.15
N SER B 223 6.03 13.34 20.21
CA SER B 223 5.34 13.51 21.48
C SER B 223 5.15 12.15 22.16
N ASP B 224 5.00 12.22 23.49
CA ASP B 224 4.88 10.99 24.29
C ASP B 224 3.62 10.20 23.93
N ILE B 225 2.51 10.90 23.66
CA ILE B 225 1.25 10.20 23.38
C ILE B 225 1.30 9.42 22.06
N ALA B 226 2.33 9.62 21.24
CA ALA B 226 2.48 8.86 20.01
C ALA B 226 3.34 7.60 20.18
N GLY B 227 3.47 7.10 21.41
CA GLY B 227 4.34 5.96 21.67
C GLY B 227 3.85 4.64 21.12
N TYR B 228 2.60 4.58 20.64
CA TYR B 228 2.06 3.37 20.04
C TYR B 228 2.06 3.43 18.52
N VAL B 229 2.61 4.48 17.94
CA VAL B 229 2.74 4.62 16.50
C VAL B 229 4.17 4.29 16.12
N THR B 230 4.38 3.15 15.47
CA THR B 230 5.70 2.79 14.94
C THR B 230 5.53 1.91 13.72
N ARG B 231 6.60 1.85 12.92
CA ARG B 231 6.63 1.11 11.65
C ARG B 231 5.77 1.78 10.58
N GLN B 232 5.45 3.04 10.74
CA GLN B 232 4.53 3.71 9.83
C GLN B 232 5.26 4.69 8.91
N VAL B 233 4.71 4.85 7.71
CA VAL B 233 5.09 5.92 6.81
C VAL B 233 3.83 6.76 6.62
N ILE B 234 3.87 8.00 7.11
CA ILE B 234 2.70 8.88 7.15
C ILE B 234 2.93 10.04 6.20
N SER B 235 1.98 10.26 5.30
CA SER B 235 2.12 11.24 4.25
C SER B 235 1.44 12.55 4.64
N VAL B 236 2.12 13.67 4.36
CA VAL B 236 1.54 15.00 4.53
C VAL B 236 1.65 15.69 3.17
N ASN B 237 0.68 15.41 2.28
CA ASN B 237 0.88 15.72 0.86
C ASN B 237 -0.34 16.36 0.21
N GLY B 238 -1.26 16.90 0.98
CA GLY B 238 -2.45 17.52 0.41
C GLY B 238 -3.34 16.58 -0.36
N GLY B 239 -3.23 15.28 -0.10
CA GLY B 239 -4.05 14.31 -0.78
C GLY B 239 -3.48 13.81 -2.09
N LEU B 240 -2.24 14.17 -2.41
CA LEU B 240 -1.62 13.72 -3.65
C LEU B 240 -1.74 12.21 -3.81
N VAL B 241 -1.44 11.46 -2.75
CA VAL B 241 -1.60 10.00 -2.76
C VAL B 241 -2.09 9.52 -1.40
N MET C 1 -11.48 -35.53 -12.61
CA MET C 1 -10.51 -35.18 -13.69
C MET C 1 -10.72 -33.73 -14.15
N THR C 2 -11.91 -33.43 -14.66
CA THR C 2 -12.19 -32.14 -15.27
C THR C 2 -12.44 -31.07 -14.21
N ARG C 3 -11.98 -29.85 -14.49
CA ARG C 3 -12.03 -28.76 -13.53
C ARG C 3 -12.97 -27.67 -14.07
N GLN C 4 -14.02 -27.39 -13.30
CA GLN C 4 -15.06 -26.47 -13.69
C GLN C 4 -14.83 -25.10 -13.08
N VAL C 5 -15.08 -24.07 -13.88
CA VAL C 5 -14.87 -22.68 -13.51
C VAL C 5 -16.14 -21.91 -13.84
N LEU C 6 -16.74 -21.30 -12.82
CA LEU C 6 -17.88 -20.41 -13.03
C LEU C 6 -17.36 -19.02 -13.34
N VAL C 7 -17.86 -18.44 -14.44
CA VAL C 7 -17.53 -17.07 -14.82
C VAL C 7 -18.83 -16.28 -14.88
N THR C 8 -18.97 -15.31 -13.97
CA THR C 8 -20.14 -14.43 -14.00
C THR C 8 -19.99 -13.39 -15.10
N GLY C 9 -21.13 -12.96 -15.64
CA GLY C 9 -21.12 -11.95 -16.68
C GLY C 9 -20.41 -12.39 -17.95
N ALA C 10 -20.38 -13.69 -18.21
CA ALA C 10 -19.59 -14.23 -19.31
C ALA C 10 -20.28 -14.10 -20.66
N SER C 11 -21.42 -13.39 -20.72
CA SER C 11 -22.06 -13.13 -21.99
C SER C 11 -21.48 -11.93 -22.72
N LYS C 12 -20.63 -11.14 -22.07
CA LYS C 12 -20.14 -9.91 -22.66
C LYS C 12 -18.76 -9.54 -22.13
N GLY C 13 -18.11 -8.64 -22.86
CA GLY C 13 -16.92 -7.94 -22.42
C GLY C 13 -15.88 -8.74 -21.66
N ILE C 14 -15.53 -8.25 -20.46
CA ILE C 14 -14.44 -8.85 -19.70
C ILE C 14 -14.79 -10.29 -19.33
N GLY C 15 -16.02 -10.54 -18.91
CA GLY C 15 -16.41 -11.89 -18.54
C GLY C 15 -16.34 -12.85 -19.71
N LYS C 16 -16.76 -12.40 -20.89
CA LYS C 16 -16.67 -13.23 -22.08
C LYS C 16 -15.21 -13.56 -22.41
N ALA C 17 -14.34 -12.54 -22.38
CA ALA C 17 -12.93 -12.80 -22.70
C ALA C 17 -12.32 -13.76 -21.71
N ILE C 18 -12.66 -13.61 -20.42
CA ILE C 18 -12.17 -14.53 -19.40
C ILE C 18 -12.63 -15.95 -19.71
N ALA C 19 -13.92 -16.11 -20.03
CA ALA C 19 -14.48 -17.43 -20.26
C ALA C 19 -13.79 -18.09 -21.45
N VAL C 20 -13.63 -17.34 -22.55
CA VAL C 20 -12.97 -17.90 -23.72
C VAL C 20 -11.55 -18.36 -23.38
N GLN C 21 -10.78 -17.49 -22.70
CA GLN C 21 -9.40 -17.83 -22.42
C GLN C 21 -9.28 -19.02 -21.47
N LEU C 22 -10.09 -19.04 -20.41
CA LEU C 22 -10.03 -20.16 -19.47
C LEU C 22 -10.45 -21.46 -20.15
N ALA C 23 -11.38 -21.39 -21.11
CA ALA C 23 -11.71 -22.59 -21.88
C ALA C 23 -10.49 -23.05 -22.69
N LYS C 24 -9.81 -22.11 -23.32
CA LYS C 24 -8.58 -22.46 -24.03
C LYS C 24 -7.58 -23.13 -23.10
N ASP C 25 -7.50 -22.65 -21.85
CA ASP C 25 -6.60 -23.21 -20.85
C ASP C 25 -6.95 -24.64 -20.47
N GLY C 26 -8.17 -25.10 -20.82
CA GLY C 26 -8.58 -26.45 -20.49
C GLY C 26 -9.67 -26.59 -19.45
N PHE C 27 -10.15 -25.48 -18.87
CA PHE C 27 -11.19 -25.56 -17.86
C PHE C 27 -12.56 -25.70 -18.52
N HIS C 28 -13.44 -26.46 -17.87
CA HIS C 28 -14.83 -26.54 -18.29
C HIS C 28 -15.55 -25.30 -17.76
N ILE C 29 -15.95 -24.40 -18.67
CA ILE C 29 -16.43 -23.07 -18.27
C ILE C 29 -17.93 -23.12 -18.06
N VAL C 30 -18.38 -22.66 -16.88
CA VAL C 30 -19.79 -22.42 -16.63
C VAL C 30 -20.03 -20.95 -16.94
N VAL C 31 -20.65 -20.71 -18.11
CA VAL C 31 -20.88 -19.37 -18.66
C VAL C 31 -22.17 -18.83 -18.05
N HIS C 32 -22.04 -17.87 -17.14
CA HIS C 32 -23.21 -17.31 -16.47
C HIS C 32 -23.72 -16.09 -17.22
N TYR C 33 -25.03 -15.90 -17.18
CA TYR C 33 -25.62 -14.70 -17.75
C TYR C 33 -26.88 -14.35 -16.97
N MET C 34 -27.25 -13.08 -17.07
CA MET C 34 -28.44 -12.54 -16.39
C MET C 34 -29.63 -12.61 -17.34
N GLY C 35 -29.65 -11.73 -18.35
CA GLY C 35 -30.73 -11.73 -19.31
C GLY C 35 -30.30 -12.14 -20.70
N ASP C 36 -29.02 -11.94 -21.02
CA ASP C 36 -28.53 -12.04 -22.40
C ASP C 36 -28.13 -13.49 -22.71
N GLN C 37 -29.14 -14.32 -22.95
CA GLN C 37 -28.90 -15.73 -23.27
C GLN C 37 -28.20 -15.88 -24.61
N GLN C 38 -28.54 -15.02 -25.57
CA GLN C 38 -27.87 -15.02 -26.86
C GLN C 38 -26.37 -14.81 -26.70
N GLY C 39 -25.98 -13.81 -25.89
CA GLY C 39 -24.56 -13.55 -25.68
C GLY C 39 -23.84 -14.71 -25.01
N ALA C 40 -24.48 -15.31 -23.99
CA ALA C 40 -23.88 -16.47 -23.34
C ALA C 40 -23.72 -17.62 -24.32
N GLN C 41 -24.74 -17.86 -25.16
CA GLN C 41 -24.64 -18.91 -26.16
C GLN C 41 -23.51 -18.62 -27.13
N ASN C 42 -23.34 -17.36 -27.52
CA ASN C 42 -22.24 -16.99 -28.40
C ASN C 42 -20.90 -17.32 -27.74
N THR C 43 -20.75 -16.96 -26.46
CA THR C 43 -19.54 -17.31 -25.73
C THR C 43 -19.29 -18.82 -25.76
N LEU C 44 -20.32 -19.60 -25.46
CA LEU C 44 -20.15 -21.05 -25.41
C LEU C 44 -19.80 -21.61 -26.79
N GLU C 45 -20.39 -21.05 -27.85
CA GLU C 45 -20.11 -21.53 -29.20
C GLU C 45 -18.69 -21.16 -29.62
N THR C 46 -18.24 -19.96 -29.24
CA THR C 46 -16.84 -19.61 -29.44
C THR C 46 -15.94 -20.61 -28.75
N ILE C 47 -16.28 -20.95 -27.49
CA ILE C 47 -15.49 -21.92 -26.73
C ILE C 47 -15.43 -23.26 -27.46
N GLU C 48 -16.56 -23.72 -27.96
CA GLU C 48 -16.60 -25.05 -28.58
C GLU C 48 -15.88 -25.04 -29.92
N GLN C 49 -16.00 -23.97 -30.70
CA GLN C 49 -15.33 -23.90 -31.98
C GLN C 49 -13.81 -23.83 -31.86
N HIS C 50 -13.29 -23.38 -30.72
CA HIS C 50 -11.86 -23.38 -30.47
C HIS C 50 -11.40 -24.62 -29.69
N GLY C 51 -12.26 -25.60 -29.53
CA GLY C 51 -11.87 -26.90 -29.02
C GLY C 51 -12.17 -27.16 -27.57
N GLY C 52 -12.82 -26.24 -26.87
CA GLY C 52 -13.08 -26.37 -25.45
C GLY C 52 -14.48 -26.87 -25.14
N SER C 53 -14.87 -26.71 -23.88
CA SER C 53 -16.10 -27.29 -23.35
C SER C 53 -16.69 -26.33 -22.33
N GLY C 54 -18.00 -26.36 -22.16
CA GLY C 54 -18.66 -25.57 -21.14
C GLY C 54 -20.16 -25.77 -21.16
N ARG C 55 -20.83 -24.91 -20.39
CA ARG C 55 -22.28 -24.96 -20.28
C ARG C 55 -22.78 -23.63 -19.74
N LEU C 56 -24.03 -23.31 -20.04
CA LEU C 56 -24.59 -22.05 -19.57
C LEU C 56 -25.21 -22.21 -18.18
N ILE C 57 -25.33 -21.08 -17.48
CA ILE C 57 -26.13 -20.98 -16.26
C ILE C 57 -26.68 -19.57 -16.17
N GLN C 58 -27.89 -19.46 -15.62
CA GLN C 58 -28.59 -18.19 -15.56
C GLN C 58 -28.98 -17.89 -14.12
N PHE C 59 -28.65 -16.69 -13.67
CA PHE C 59 -29.22 -16.14 -12.44
C PHE C 59 -28.95 -14.65 -12.41
N ASP C 60 -29.72 -13.94 -11.60
CA ASP C 60 -29.52 -12.51 -11.38
C ASP C 60 -28.69 -12.35 -10.11
N ILE C 61 -27.52 -11.74 -10.25
CA ILE C 61 -26.55 -11.71 -9.14
C ILE C 61 -27.08 -10.92 -7.95
N SER C 62 -27.93 -9.92 -8.18
CA SER C 62 -28.49 -9.17 -7.07
C SER C 62 -29.63 -9.91 -6.38
N ASN C 63 -30.06 -11.05 -6.91
CA ASN C 63 -31.10 -11.88 -6.31
C ASN C 63 -30.41 -13.00 -5.54
N ARG C 64 -30.22 -12.81 -4.23
CA ARG C 64 -29.51 -13.78 -3.41
C ARG C 64 -30.17 -15.15 -3.47
N GLU C 65 -31.50 -15.19 -3.27
CA GLU C 65 -32.23 -16.46 -3.26
C GLU C 65 -32.03 -17.20 -4.56
N GLU C 66 -32.14 -16.49 -5.68
CA GLU C 66 -31.96 -17.11 -6.98
C GLU C 66 -30.54 -17.62 -7.15
N CYS C 67 -29.54 -16.80 -6.80
CA CYS C 67 -28.15 -17.26 -6.85
C CYS C 67 -27.99 -18.57 -6.12
N ARG C 68 -28.40 -18.61 -4.85
CA ARG C 68 -28.26 -19.82 -4.05
C ARG C 68 -28.93 -21.00 -4.76
N THR C 69 -30.19 -20.83 -5.17
CA THR C 69 -30.94 -21.92 -5.77
C THR C 69 -30.22 -22.47 -7.00
N LYS C 70 -29.93 -21.60 -7.97
CA LYS C 70 -29.35 -22.06 -9.22
C LYS C 70 -27.97 -22.65 -9.01
N LEU C 71 -27.16 -22.05 -8.15
CA LEU C 71 -25.81 -22.56 -7.93
C LEU C 71 -25.84 -23.90 -7.20
N GLU C 72 -26.65 -24.02 -6.15
CA GLU C 72 -26.74 -25.28 -5.44
C GLU C 72 -27.22 -26.39 -6.34
N ALA C 73 -28.18 -26.10 -7.24
CA ALA C 73 -28.65 -27.14 -8.15
C ALA C 73 -27.59 -27.51 -9.18
N ASP C 74 -26.97 -26.50 -9.82
CA ASP C 74 -25.91 -26.79 -10.77
C ASP C 74 -24.80 -27.60 -10.11
N ILE C 75 -24.51 -27.32 -8.84
CA ILE C 75 -23.45 -28.01 -8.13
C ILE C 75 -23.87 -29.43 -7.78
N ALA C 76 -25.10 -29.59 -7.25
CA ALA C 76 -25.61 -30.92 -6.96
C ALA C 76 -25.56 -31.81 -8.18
N GLU C 77 -25.85 -31.25 -9.35
CA GLU C 77 -25.89 -32.03 -10.58
C GLU C 77 -24.49 -32.30 -11.14
N HIS C 78 -23.59 -31.32 -11.08
CA HIS C 78 -22.32 -31.42 -11.80
C HIS C 78 -21.09 -31.48 -10.91
N GLY C 79 -21.24 -31.26 -9.62
CA GLY C 79 -20.10 -31.22 -8.72
C GLY C 79 -19.65 -29.80 -8.42
N ALA C 80 -18.80 -29.69 -7.42
CA ALA C 80 -18.34 -28.38 -7.00
C ALA C 80 -17.44 -27.75 -8.07
N TYR C 81 -17.48 -26.42 -8.12
CA TYR C 81 -16.57 -25.69 -9.00
C TYR C 81 -15.14 -25.74 -8.45
N TYR C 82 -14.17 -25.87 -9.36
CA TYR C 82 -12.78 -25.64 -8.98
C TYR C 82 -12.45 -24.16 -8.93
N GLY C 83 -13.05 -23.36 -9.81
CA GLY C 83 -12.80 -21.93 -9.82
C GLY C 83 -14.08 -21.11 -9.88
N VAL C 84 -14.00 -19.92 -9.29
CA VAL C 84 -15.10 -18.96 -9.36
C VAL C 84 -14.50 -17.59 -9.67
N VAL C 85 -14.94 -16.99 -10.78
CA VAL C 85 -14.56 -15.66 -11.20
C VAL C 85 -15.79 -14.78 -11.07
N ASN C 86 -15.70 -13.76 -10.20
CA ASN C 86 -16.82 -12.85 -9.91
C ASN C 86 -16.54 -11.49 -10.55
N ASN C 87 -17.21 -11.23 -11.66
CA ASN C 87 -16.96 -10.03 -12.46
C ASN C 87 -17.78 -8.86 -11.92
N ALA C 88 -17.44 -7.67 -12.39
CA ALA C 88 -17.95 -6.43 -11.83
C ALA C 88 -18.96 -5.78 -12.77
N GLY C 89 -19.59 -4.71 -12.27
CA GLY C 89 -20.56 -3.96 -13.00
C GLY C 89 -20.03 -2.56 -13.28
N ILE C 90 -20.90 -1.70 -13.78
CA ILE C 90 -20.46 -0.37 -14.17
C ILE C 90 -20.71 0.64 -13.06
N THR C 91 -20.08 1.79 -13.19
CA THR C 91 -20.16 2.87 -12.22
C THR C 91 -20.70 4.12 -12.88
N ARG C 92 -21.15 5.05 -12.02
CA ARG C 92 -21.72 6.31 -12.47
C ARG C 92 -21.40 7.36 -11.42
N ASP C 93 -20.55 8.33 -11.77
CA ASP C 93 -20.15 9.36 -10.82
C ASP C 93 -21.37 10.03 -10.17
N THR C 94 -21.24 10.36 -8.90
CA THR C 94 -22.19 11.21 -8.20
C THR C 94 -21.49 11.80 -6.98
N ALA C 95 -21.49 13.12 -6.86
CA ALA C 95 -20.89 13.76 -5.70
C ALA C 95 -21.66 13.40 -4.43
N PHE C 96 -20.93 13.29 -3.32
CA PHE C 96 -21.52 12.77 -2.09
C PHE C 96 -22.68 13.62 -1.59
N PRO C 97 -22.58 14.94 -1.52
CA PRO C 97 -23.75 15.72 -1.03
C PRO C 97 -24.99 15.53 -1.89
N ALA C 98 -24.81 15.49 -3.22
CA ALA C 98 -25.94 15.25 -4.11
C ALA C 98 -26.43 13.80 -4.07
N MET C 99 -25.59 12.88 -3.57
CA MET C 99 -25.92 11.46 -3.68
C MET C 99 -27.18 11.12 -2.90
N THR C 100 -28.07 10.36 -3.53
CA THR C 100 -29.30 9.90 -2.92
C THR C 100 -29.08 8.58 -2.19
N GLU C 101 -30.06 8.24 -1.33
CA GLU C 101 -30.03 6.96 -0.66
C GLU C 101 -29.94 5.82 -1.66
N GLU C 102 -30.75 5.90 -2.73
CA GLU C 102 -30.82 4.80 -3.67
C GLU C 102 -29.50 4.60 -4.38
N GLU C 103 -28.81 5.69 -4.71
CA GLU C 103 -27.51 5.57 -5.37
C GLU C 103 -26.51 4.86 -4.46
N TRP C 104 -26.45 5.25 -3.19
CA TRP C 104 -25.55 4.59 -2.24
C TRP C 104 -25.92 3.12 -2.07
N ASP C 105 -27.16 2.85 -1.66
CA ASP C 105 -27.61 1.48 -1.42
C ASP C 105 -27.43 0.61 -2.64
N GLY C 106 -27.84 1.09 -3.81
CA GLY C 106 -27.75 0.29 -5.01
C GLY C 106 -26.33 -0.07 -5.37
N VAL C 107 -25.41 0.90 -5.29
CA VAL C 107 -24.03 0.60 -5.61
C VAL C 107 -23.46 -0.40 -4.60
N ILE C 108 -23.71 -0.17 -3.31
CA ILE C 108 -23.18 -1.07 -2.28
C ILE C 108 -23.70 -2.48 -2.47
N HIS C 109 -25.00 -2.61 -2.76
CA HIS C 109 -25.65 -3.92 -2.77
C HIS C 109 -25.50 -4.66 -4.09
N THR C 110 -25.24 -3.96 -5.19
CA THR C 110 -24.92 -4.68 -6.42
C THR C 110 -23.45 -5.07 -6.46
N ASN C 111 -22.57 -4.18 -5.97
CA ASN C 111 -21.14 -4.41 -6.14
C ASN C 111 -20.49 -5.15 -4.98
N LEU C 112 -21.02 -5.01 -3.76
CA LEU C 112 -20.46 -5.70 -2.61
C LEU C 112 -21.25 -6.94 -2.22
N ASP C 113 -22.58 -6.89 -2.25
CA ASP C 113 -23.36 -8.04 -1.83
C ASP C 113 -23.21 -9.22 -2.78
N SER C 114 -22.80 -8.97 -4.03
CA SER C 114 -22.58 -10.07 -4.98
C SER C 114 -21.45 -10.99 -4.52
N PHE C 115 -20.49 -10.46 -3.77
CA PHE C 115 -19.47 -11.29 -3.16
C PHE C 115 -20.11 -12.42 -2.37
N TYR C 116 -20.99 -12.07 -1.44
CA TYR C 116 -21.70 -13.07 -0.67
C TYR C 116 -22.61 -13.91 -1.58
N ASN C 117 -23.47 -13.25 -2.36
CA ASN C 117 -24.50 -13.97 -3.10
C ASN C 117 -23.92 -15.04 -4.00
N VAL C 118 -22.79 -14.76 -4.63
CA VAL C 118 -22.19 -15.71 -5.56
C VAL C 118 -21.22 -16.65 -4.85
N LEU C 119 -20.40 -16.16 -3.91
CA LEU C 119 -19.35 -17.00 -3.37
C LEU C 119 -19.83 -17.89 -2.23
N HIS C 120 -20.85 -17.48 -1.47
CA HIS C 120 -21.24 -18.29 -0.32
C HIS C 120 -21.73 -19.65 -0.76
N PRO C 121 -22.59 -19.77 -1.77
CA PRO C 121 -23.01 -21.10 -2.21
C PRO C 121 -21.87 -21.93 -2.79
N CYS C 122 -20.74 -21.31 -3.12
CA CYS C 122 -19.69 -22.00 -3.86
C CYS C 122 -18.51 -22.44 -2.99
N VAL C 123 -18.30 -21.81 -1.84
CA VAL C 123 -17.05 -22.00 -1.12
C VAL C 123 -17.00 -23.37 -0.45
N MET C 124 -18.04 -23.73 0.29
CA MET C 124 -17.91 -24.97 1.06
C MET C 124 -17.92 -26.17 0.12
N PRO C 125 -18.72 -26.20 -0.96
CA PRO C 125 -18.52 -27.31 -1.92
C PRO C 125 -17.08 -27.43 -2.38
N MET C 126 -16.45 -26.28 -2.68
CA MET C 126 -15.04 -26.27 -3.09
C MET C 126 -14.14 -26.82 -1.99
N VAL C 127 -14.37 -26.41 -0.75
CA VAL C 127 -13.57 -26.94 0.37
C VAL C 127 -13.79 -28.44 0.51
N GLN C 128 -15.04 -28.89 0.44
CA GLN C 128 -15.38 -30.29 0.70
C GLN C 128 -14.75 -31.20 -0.33
N LYS C 129 -14.57 -30.72 -1.56
CA LYS C 129 -13.93 -31.57 -2.56
C LYS C 129 -12.44 -31.76 -2.29
N ARG C 130 -11.82 -30.86 -1.51
CA ARG C 130 -10.44 -31.02 -1.04
C ARG C 130 -9.44 -31.21 -2.20
N LYS C 131 -9.72 -30.60 -3.35
CA LYS C 131 -8.77 -30.55 -4.45
C LYS C 131 -8.22 -29.14 -4.68
N GLY C 132 -8.20 -28.30 -3.65
CA GLY C 132 -7.79 -26.92 -3.84
C GLY C 132 -8.85 -26.14 -4.60
N GLY C 133 -8.43 -24.99 -5.12
CA GLY C 133 -9.34 -24.18 -5.91
C GLY C 133 -8.83 -22.78 -6.14
N ARG C 134 -9.67 -22.00 -6.84
CA ARG C 134 -9.32 -20.65 -7.26
C ARG C 134 -10.53 -19.72 -7.14
N ILE C 135 -10.36 -18.59 -6.48
CA ILE C 135 -11.39 -17.56 -6.44
C ILE C 135 -10.77 -16.26 -6.88
N VAL C 136 -11.38 -15.59 -7.86
CA VAL C 136 -10.87 -14.33 -8.37
C VAL C 136 -12.04 -13.35 -8.46
N THR C 137 -11.96 -12.27 -7.69
CA THR C 137 -12.91 -11.17 -7.80
C THR C 137 -12.35 -10.09 -8.73
N LEU C 138 -13.25 -9.29 -9.28
CA LEU C 138 -12.86 -8.17 -10.12
C LEU C 138 -13.44 -6.87 -9.59
N ALA C 139 -12.61 -5.82 -9.57
CA ALA C 139 -13.07 -4.49 -9.20
C ALA C 139 -13.68 -3.79 -10.41
N SER C 140 -14.56 -2.81 -10.15
CA SER C 140 -15.05 -1.95 -11.22
C SER C 140 -13.87 -1.23 -11.89
N VAL C 141 -12.87 -0.82 -11.10
CA VAL C 141 -11.50 -0.60 -11.60
C VAL C 141 -10.52 -0.82 -10.42
N GLY C 143 -11.01 1.49 -6.05
CA GLY C 143 -10.84 0.50 -4.98
C GLY C 143 -9.63 0.75 -4.11
N LEU C 144 -8.49 1.04 -4.73
CA LEU C 144 -7.26 1.27 -3.98
C LEU C 144 -7.05 2.73 -3.59
N MET C 145 -7.63 3.65 -4.38
CA MET C 145 -7.23 5.06 -4.35
C MET C 145 -8.35 6.06 -4.07
N GLY C 146 -9.61 5.72 -4.32
CA GLY C 146 -10.69 6.69 -4.30
C GLY C 146 -10.71 7.57 -5.54
N ASN C 147 -11.90 8.11 -5.80
CA ASN C 147 -12.09 8.93 -6.99
C ASN C 147 -13.22 9.93 -6.75
N ARG C 148 -13.03 11.16 -7.23
CA ARG C 148 -14.05 12.20 -7.08
C ARG C 148 -15.37 11.74 -7.70
N GLY C 149 -16.46 11.96 -6.96
CA GLY C 149 -17.78 11.57 -7.42
C GLY C 149 -18.11 10.11 -7.30
N GLN C 150 -17.29 9.34 -6.57
CA GLN C 150 -17.46 7.89 -6.55
C GLN C 150 -17.31 7.31 -5.15
N THR C 151 -17.71 8.06 -4.12
CA THR C 151 -17.58 7.55 -2.75
C THR C 151 -18.31 6.23 -2.59
N ASN C 152 -19.46 6.06 -3.27
CA ASN C 152 -20.21 4.81 -3.16
C ASN C 152 -19.54 3.68 -3.93
N TYR C 153 -19.11 3.95 -5.16
CA TYR C 153 -18.43 2.91 -5.93
C TYR C 153 -17.06 2.59 -5.34
N SER C 154 -16.36 3.60 -4.81
CA SER C 154 -15.08 3.36 -4.14
C SER C 154 -15.27 2.53 -2.88
N ALA C 155 -16.31 2.84 -2.09
CA ALA C 155 -16.60 2.03 -0.93
C ALA C 155 -16.88 0.59 -1.32
N ALA C 156 -17.68 0.39 -2.37
CA ALA C 156 -18.03 -0.96 -2.78
C ALA C 156 -16.80 -1.72 -3.27
N LYS C 157 -15.99 -1.08 -4.11
CA LYS C 157 -14.81 -1.75 -4.67
C LYS C 157 -13.79 -2.06 -3.59
N ALA C 158 -13.51 -1.09 -2.71
CA ALA C 158 -12.63 -1.35 -1.58
C ALA C 158 -13.19 -2.44 -0.69
N GLY C 159 -14.52 -2.48 -0.55
CA GLY C 159 -15.13 -3.55 0.22
C GLY C 159 -14.85 -4.91 -0.38
N VAL C 160 -15.00 -5.02 -1.70
CA VAL C 160 -14.71 -6.28 -2.37
C VAL C 160 -13.26 -6.66 -2.14
N ILE C 161 -12.35 -5.70 -2.28
CA ILE C 161 -10.93 -6.00 -2.04
C ILE C 161 -10.73 -6.55 -0.64
N GLY C 162 -11.35 -5.91 0.36
CA GLY C 162 -11.14 -6.33 1.74
C GLY C 162 -11.76 -7.69 2.04
N ALA C 163 -12.98 -7.92 1.52
CA ALA C 163 -13.60 -9.24 1.63
C ALA C 163 -12.73 -10.31 0.98
N THR C 164 -12.22 -10.03 -0.23
CA THR C 164 -11.36 -10.95 -0.95
C THR C 164 -10.13 -11.32 -0.13
N LYS C 165 -9.45 -10.30 0.42
CA LYS C 165 -8.22 -10.58 1.16
C LYS C 165 -8.51 -11.38 2.44
N SER C 166 -9.56 -11.00 3.16
CA SER C 166 -9.92 -11.74 4.36
C SER C 166 -10.26 -13.18 4.04
N LEU C 167 -11.03 -13.41 2.98
CA LEU C 167 -11.33 -14.78 2.57
C LEU C 167 -10.07 -15.52 2.18
N ALA C 168 -9.09 -14.83 1.60
CA ALA C 168 -7.82 -15.48 1.29
C ALA C 168 -7.18 -16.03 2.56
N LEU C 169 -7.11 -15.20 3.61
CA LEU C 169 -6.57 -15.69 4.86
C LEU C 169 -7.36 -16.90 5.36
N GLU C 170 -8.67 -16.86 5.19
CA GLU C 170 -9.51 -17.95 5.71
C GLU C 170 -9.28 -19.26 4.98
N LEU C 171 -9.16 -19.21 3.66
CA LEU C 171 -9.11 -20.43 2.85
C LEU C 171 -7.70 -20.88 2.53
N ALA C 172 -6.67 -20.13 2.96
CA ALA C 172 -5.30 -20.53 2.69
C ALA C 172 -5.03 -21.98 3.10
N LYS C 173 -5.52 -22.40 4.27
CA LYS C 173 -5.23 -23.76 4.74
C LYS C 173 -5.87 -24.83 3.88
N ARG C 174 -6.81 -24.48 3.01
CA ARG C 174 -7.43 -25.44 2.10
C ARG C 174 -6.79 -25.42 0.72
N LYS C 175 -5.70 -24.69 0.53
CA LYS C 175 -5.03 -24.57 -0.76
C LYS C 175 -5.94 -23.97 -1.83
N ILE C 176 -6.84 -23.07 -1.41
CA ILE C 176 -7.64 -22.25 -2.32
C ILE C 176 -7.06 -20.84 -2.31
N THR C 177 -6.57 -20.35 -3.45
CA THR C 177 -6.07 -18.98 -3.52
C THR C 177 -7.22 -18.03 -3.79
N VAL C 178 -7.15 -16.85 -3.20
CA VAL C 178 -8.19 -15.82 -3.32
C VAL C 178 -7.51 -14.51 -3.67
N ASN C 179 -7.79 -14.00 -4.85
CA ASN C 179 -7.15 -12.80 -5.34
C ASN C 179 -8.19 -11.92 -6.00
N CYS C 180 -7.87 -10.62 -6.06
CA CYS C 180 -8.67 -9.62 -6.76
C CYS C 180 -7.87 -9.07 -7.94
N VAL C 181 -8.52 -8.95 -9.07
CA VAL C 181 -7.95 -8.28 -10.25
C VAL C 181 -8.61 -6.91 -10.40
N ALA C 182 -7.78 -5.88 -10.50
CA ALA C 182 -8.27 -4.50 -10.58
C ALA C 182 -7.89 -3.89 -11.92
N PRO C 183 -8.78 -3.90 -12.91
CA PRO C 183 -8.45 -3.32 -14.21
C PRO C 183 -8.55 -1.81 -14.19
N GLY C 184 -7.75 -1.18 -15.04
CA GLY C 184 -7.90 0.24 -15.29
C GLY C 184 -9.05 0.50 -16.25
N LEU C 185 -8.87 1.45 -17.17
CA LEU C 185 -9.88 1.71 -18.18
C LEU C 185 -9.77 0.66 -19.28
N ILE C 186 -10.78 -0.20 -19.38
CA ILE C 186 -10.81 -1.27 -20.37
C ILE C 186 -11.79 -0.90 -21.47
N ASP C 187 -11.39 -1.16 -22.71
CA ASP C 187 -12.23 -0.88 -23.88
C ASP C 187 -13.13 -2.07 -24.12
N THR C 188 -14.36 -2.00 -23.61
CA THR C 188 -15.34 -3.06 -23.81
C THR C 188 -16.32 -2.75 -24.93
N GLY C 189 -16.03 -1.74 -25.76
CA GLY C 189 -16.70 -1.57 -27.03
C GLY C 189 -17.74 -0.47 -27.09
N MET C 190 -18.09 0.13 -25.95
CA MET C 190 -19.10 1.19 -25.95
C MET C 190 -18.69 2.37 -25.07
N VAL C 191 -17.42 2.49 -24.70
CA VAL C 191 -17.05 3.46 -23.67
C VAL C 191 -17.16 4.87 -24.23
N ASP C 192 -17.62 5.79 -23.39
CA ASP C 192 -17.74 7.21 -23.73
C ASP C 192 -16.44 7.75 -24.30
N GLU C 193 -16.56 8.60 -25.32
CA GLU C 193 -15.37 9.25 -25.84
C GLU C 193 -14.79 10.20 -24.80
N HIS C 194 -15.66 10.98 -24.14
CA HIS C 194 -15.22 11.89 -23.09
C HIS C 194 -14.56 11.16 -21.94
N VAL C 195 -14.86 9.87 -21.76
CA VAL C 195 -14.14 9.03 -20.80
C VAL C 195 -12.73 8.75 -21.28
N LYS C 196 -12.60 8.31 -22.53
CA LYS C 196 -11.28 8.14 -23.13
C LYS C 196 -10.47 9.43 -23.01
N GLU C 197 -11.07 10.52 -23.53
CA GLU C 197 -10.53 11.87 -23.38
C GLU C 197 -10.15 12.19 -21.95
N HIS C 198 -10.94 11.76 -20.98
CA HIS C 198 -10.74 12.12 -19.58
C HIS C 198 -9.49 11.47 -19.03
N ALA C 199 -9.33 10.17 -19.25
CA ALA C 199 -8.32 9.43 -18.51
C ALA C 199 -7.06 9.13 -19.30
N MET C 200 -7.07 9.26 -20.63
CA MET C 200 -5.89 8.87 -21.40
C MET C 200 -4.61 9.56 -20.94
N PRO C 201 -4.61 10.84 -20.57
CA PRO C 201 -3.36 11.45 -20.07
C PRO C 201 -2.92 10.92 -18.71
N GLN C 202 -3.81 10.33 -17.93
CA GLN C 202 -3.42 9.73 -16.67
C GLN C 202 -2.77 8.36 -16.84
N ILE C 203 -2.86 7.77 -18.03
CA ILE C 203 -2.43 6.40 -18.27
C ILE C 203 -1.05 6.42 -18.91
N PRO C 204 0.00 5.99 -18.21
CA PRO C 204 1.34 5.98 -18.83
C PRO C 204 1.40 5.34 -20.21
N LEU C 205 0.75 4.19 -20.42
CA LEU C 205 0.80 3.56 -21.74
C LEU C 205 -0.11 4.26 -22.76
N ARG C 206 -0.79 5.34 -22.35
CA ARG C 206 -1.57 6.19 -23.26
C ARG C 206 -2.46 5.36 -24.17
N ARG C 207 -3.16 4.39 -23.59
CA ARG C 207 -4.13 3.60 -24.34
C ARG C 207 -5.00 2.85 -23.35
N MET C 208 -6.15 2.42 -23.85
CA MET C 208 -7.06 1.60 -23.07
C MET C 208 -6.59 0.15 -23.08
N GLY C 209 -6.95 -0.59 -22.03
CA GLY C 209 -6.73 -2.01 -22.04
C GLY C 209 -7.79 -2.76 -22.84
N GLU C 210 -7.43 -4.01 -23.27
CA GLU C 210 -8.39 -4.87 -23.95
C GLU C 210 -8.94 -5.92 -22.99
N PRO C 211 -10.16 -6.43 -23.22
CA PRO C 211 -10.68 -7.49 -22.34
C PRO C 211 -9.76 -8.71 -22.25
N GLU C 212 -9.11 -9.06 -23.36
CA GLU C 212 -8.18 -10.18 -23.34
C GLU C 212 -7.00 -9.92 -22.42
N GLU C 213 -6.65 -8.65 -22.20
CA GLU C 213 -5.53 -8.35 -21.32
C GLU C 213 -5.91 -8.61 -19.86
N VAL C 214 -7.16 -8.34 -19.48
CA VAL C 214 -7.63 -8.74 -18.17
C VAL C 214 -7.71 -10.26 -18.07
N ALA C 215 -8.20 -10.89 -19.14
CA ALA C 215 -8.35 -12.34 -19.14
C ALA C 215 -7.02 -13.04 -19.01
N GLY C 216 -5.95 -12.49 -19.58
CA GLY C 216 -4.62 -13.07 -19.40
C GLY C 216 -4.21 -13.12 -17.94
N LEU C 217 -4.48 -12.05 -17.19
CA LEU C 217 -4.13 -12.04 -15.77
C LEU C 217 -4.96 -13.05 -15.00
N VAL C 218 -6.26 -13.14 -15.31
CA VAL C 218 -7.10 -14.14 -14.65
C VAL C 218 -6.62 -15.55 -15.00
N SER C 219 -6.22 -15.76 -16.25
CA SER C 219 -5.70 -17.06 -16.68
C SER C 219 -4.46 -17.43 -15.88
N TYR C 220 -3.57 -16.46 -15.68
CA TYR C 220 -2.42 -16.72 -14.82
C TYR C 220 -2.85 -17.13 -13.41
N LEU C 221 -3.70 -16.31 -12.77
CA LEU C 221 -4.10 -16.63 -11.40
C LEU C 221 -4.77 -18.00 -11.34
N MET C 222 -5.53 -18.38 -12.37
CA MET C 222 -6.21 -19.66 -12.41
C MET C 222 -5.27 -20.84 -12.62
N SER C 223 -4.03 -20.59 -13.03
CA SER C 223 -3.13 -21.67 -13.40
C SER C 223 -2.50 -22.30 -12.16
N ASP C 224 -2.05 -23.54 -12.33
CA ASP C 224 -1.52 -24.31 -11.21
C ASP C 224 -0.26 -23.69 -10.62
N ILE C 225 0.58 -23.08 -11.46
CA ILE C 225 1.83 -22.49 -10.99
C ILE C 225 1.61 -21.22 -10.19
N ALA C 226 0.39 -20.68 -10.21
CA ALA C 226 0.05 -19.50 -9.42
C ALA C 226 -0.44 -19.83 -8.01
N GLY C 227 -0.19 -21.05 -7.54
CA GLY C 227 -0.72 -21.51 -6.27
C GLY C 227 -0.13 -20.87 -5.03
N TYR C 228 0.98 -20.15 -5.16
CA TYR C 228 1.55 -19.44 -4.01
C TYR C 228 1.16 -17.96 -3.99
N VAL C 229 0.31 -17.54 -4.93
CA VAL C 229 -0.18 -16.18 -4.98
C VAL C 229 -1.58 -16.15 -4.40
N THR C 230 -1.74 -15.46 -3.28
CA THR C 230 -3.03 -15.33 -2.64
C THR C 230 -3.02 -14.05 -1.82
N ARG C 231 -4.22 -13.57 -1.50
CA ARG C 231 -4.43 -12.37 -0.72
C ARG C 231 -4.00 -11.11 -1.47
N GLN C 232 -3.84 -11.20 -2.78
CA GLN C 232 -3.33 -10.10 -3.57
C GLN C 232 -4.43 -9.41 -4.36
N VAL C 233 -4.25 -8.10 -4.55
CA VAL C 233 -5.01 -7.35 -5.53
C VAL C 233 -4.01 -6.88 -6.59
N ILE C 234 -4.20 -7.34 -7.83
CA ILE C 234 -3.24 -7.11 -8.90
C ILE C 234 -3.90 -6.24 -9.96
N SER C 235 -3.23 -5.17 -10.35
CA SER C 235 -3.80 -4.18 -11.25
C SER C 235 -3.27 -4.35 -12.67
N VAL C 236 -4.19 -4.31 -13.64
CA VAL C 236 -3.89 -4.36 -15.07
C VAL C 236 -4.42 -3.06 -15.64
N ASN C 237 -3.63 -1.97 -15.50
CA ASN C 237 -4.14 -0.62 -15.69
C ASN C 237 -3.19 0.27 -16.46
N GLY C 238 -2.21 -0.31 -17.15
CA GLY C 238 -1.31 0.47 -17.97
C GLY C 238 -0.43 1.43 -17.20
N GLY C 239 -0.35 1.28 -15.89
CA GLY C 239 0.47 2.14 -15.07
C GLY C 239 -0.27 3.25 -14.39
N LEU C 240 -1.59 3.35 -14.60
CA LEU C 240 -2.39 4.39 -13.94
C LEU C 240 -2.06 4.52 -12.46
N VAL C 241 -1.92 3.39 -11.78
CA VAL C 241 -1.54 3.38 -10.37
C VAL C 241 -0.76 2.10 -10.07
N THR D 2 -16.71 27.70 19.75
CA THR D 2 -17.02 28.16 18.40
C THR D 2 -16.88 27.00 17.39
N ARG D 3 -16.13 25.96 17.75
CA ARG D 3 -15.91 24.83 16.84
C ARG D 3 -16.44 23.55 17.48
N GLN D 4 -17.54 23.04 16.93
CA GLN D 4 -18.20 21.86 17.45
C GLN D 4 -17.75 20.60 16.73
N VAL D 5 -17.66 19.50 17.49
CA VAL D 5 -17.22 18.22 16.96
C VAL D 5 -18.19 17.13 17.44
N LEU D 6 -18.78 16.43 16.49
CA LEU D 6 -19.56 15.24 16.78
C LEU D 6 -18.62 14.06 16.96
N VAL D 7 -18.77 13.33 18.06
CA VAL D 7 -18.02 12.10 18.31
C VAL D 7 -19.03 10.99 18.52
N THR D 8 -19.19 10.12 17.53
CA THR D 8 -20.08 8.98 17.69
C THR D 8 -19.44 7.94 18.59
N GLY D 9 -20.27 7.19 19.31
CA GLY D 9 -19.77 6.18 20.21
C GLY D 9 -18.94 6.72 21.35
N ALA D 10 -19.29 7.91 21.85
CA ALA D 10 -18.47 8.58 22.85
C ALA D 10 -18.82 8.19 24.28
N SER D 11 -19.69 7.21 24.48
CA SER D 11 -20.06 6.80 25.83
C SER D 11 -18.99 5.97 26.51
N LYS D 12 -18.05 5.40 25.75
CA LYS D 12 -17.08 4.47 26.30
C LYS D 12 -15.87 4.36 25.40
N GLY D 13 -14.81 3.78 25.97
CA GLY D 13 -13.66 3.34 25.20
C GLY D 13 -13.01 4.41 24.35
N ILE D 14 -12.67 4.04 23.12
CA ILE D 14 -11.98 4.96 22.23
C ILE D 14 -12.80 6.22 22.03
N GLY D 15 -14.11 6.08 21.82
CA GLY D 15 -14.94 7.25 21.58
C GLY D 15 -14.92 8.22 22.74
N LYS D 16 -15.06 7.69 23.96
CA LYS D 16 -14.95 8.52 25.15
C LYS D 16 -13.59 9.21 25.21
N ALA D 17 -12.51 8.45 25.02
CA ALA D 17 -11.17 9.04 25.07
C ALA D 17 -11.05 10.20 24.08
N ILE D 18 -11.58 10.01 22.87
CA ILE D 18 -11.53 11.05 21.85
C ILE D 18 -12.31 12.26 22.31
N ALA D 19 -13.53 12.04 22.80
CA ALA D 19 -14.36 13.16 23.26
C ALA D 19 -13.67 13.95 24.36
N VAL D 20 -13.14 13.23 25.36
CA VAL D 20 -12.46 13.87 26.48
C VAL D 20 -11.28 14.70 25.98
N GLN D 21 -10.45 14.12 25.10
CA GLN D 21 -9.26 14.84 24.66
C GLN D 21 -9.61 16.03 23.78
N LEU D 22 -10.54 15.85 22.83
CA LEU D 22 -10.91 16.94 21.95
C LEU D 22 -11.53 18.09 22.73
N ALA D 23 -12.25 17.78 23.83
CA ALA D 23 -12.75 18.83 24.69
C ALA D 23 -11.62 19.56 25.41
N LYS D 24 -10.60 18.81 25.85
CA LYS D 24 -9.45 19.48 26.43
C LYS D 24 -8.74 20.36 25.41
N ASP D 25 -8.75 19.95 24.14
CA ASP D 25 -8.20 20.77 23.06
C ASP D 25 -9.03 22.04 22.82
N GLY D 26 -10.24 22.12 23.36
CA GLY D 26 -11.06 23.31 23.23
C GLY D 26 -12.23 23.22 22.29
N PHE D 27 -12.48 22.07 21.67
CA PHE D 27 -13.68 21.91 20.86
C PHE D 27 -14.89 21.67 21.77
N HIS D 28 -16.05 22.10 21.29
CA HIS D 28 -17.35 21.83 21.93
C HIS D 28 -17.83 20.47 21.41
N ILE D 29 -17.85 19.47 22.29
CA ILE D 29 -18.02 18.09 21.87
C ILE D 29 -19.50 17.70 21.95
N VAL D 30 -20.06 17.25 20.83
CA VAL D 30 -21.36 16.59 20.80
C VAL D 30 -21.14 15.11 21.03
N VAL D 31 -21.51 14.65 22.23
CA VAL D 31 -21.25 13.30 22.73
C VAL D 31 -22.43 12.43 22.30
N HIS D 32 -22.21 11.61 21.29
CA HIS D 32 -23.29 10.77 20.78
C HIS D 32 -23.33 9.44 21.52
N TYR D 33 -24.54 8.91 21.67
CA TYR D 33 -24.71 7.54 22.15
C TYR D 33 -25.96 6.95 21.52
N MET D 34 -26.05 5.61 21.54
CA MET D 34 -27.26 4.92 21.14
C MET D 34 -28.04 4.44 22.36
N GLY D 35 -27.44 3.54 23.13
CA GLY D 35 -28.14 2.99 24.29
C GLY D 35 -27.47 3.29 25.62
N ASP D 36 -26.18 3.63 25.55
CA ASP D 36 -25.35 3.79 26.75
C ASP D 36 -25.43 5.25 27.25
N GLN D 37 -26.58 5.58 27.82
CA GLN D 37 -26.81 6.93 28.31
C GLN D 37 -26.00 7.22 29.57
N GLN D 38 -25.85 6.23 30.45
CA GLN D 38 -24.98 6.35 31.61
C GLN D 38 -23.58 6.81 31.19
N GLY D 39 -22.99 6.08 30.25
CA GLY D 39 -21.63 6.36 29.84
C GLY D 39 -21.49 7.74 29.20
N ALA D 40 -22.46 8.12 28.37
CA ALA D 40 -22.41 9.43 27.73
C ALA D 40 -22.56 10.56 28.74
N GLN D 41 -23.46 10.39 29.71
CA GLN D 41 -23.60 11.36 30.79
C GLN D 41 -22.28 11.54 31.51
N ASN D 42 -21.57 10.44 31.77
CA ASN D 42 -20.29 10.57 32.45
C ASN D 42 -19.23 11.19 31.53
N THR D 43 -19.27 10.89 30.23
CA THR D 43 -18.33 11.53 29.32
C THR D 43 -18.50 13.05 29.35
N LEU D 44 -19.74 13.51 29.26
CA LEU D 44 -19.99 14.95 29.28
C LEU D 44 -19.65 15.55 30.64
N GLU D 45 -20.01 14.85 31.73
CA GLU D 45 -19.70 15.36 33.06
C GLU D 45 -18.20 15.48 33.26
N THR D 46 -17.43 14.50 32.80
CA THR D 46 -15.98 14.59 32.89
C THR D 46 -15.44 15.75 32.08
N ILE D 47 -15.96 15.92 30.86
CA ILE D 47 -15.55 17.06 30.04
C ILE D 47 -15.77 18.37 30.80
N GLU D 48 -16.94 18.51 31.41
CA GLU D 48 -17.30 19.78 32.05
C GLU D 48 -16.48 20.00 33.32
N GLN D 49 -16.23 18.93 34.08
CA GLN D 49 -15.41 19.05 35.28
C GLN D 49 -14.02 19.58 34.97
N HIS D 50 -13.47 19.20 33.82
CA HIS D 50 -12.12 19.63 33.43
C HIS D 50 -12.12 20.95 32.69
N GLY D 51 -13.24 21.66 32.66
CA GLY D 51 -13.27 23.00 32.11
C GLY D 51 -13.75 23.11 30.68
N GLY D 52 -14.22 22.01 30.09
CA GLY D 52 -14.69 22.02 28.73
C GLY D 52 -16.20 22.16 28.66
N SER D 53 -16.72 21.94 27.45
CA SER D 53 -18.14 22.11 27.20
C SER D 53 -18.57 21.13 26.12
N GLY D 54 -19.85 20.82 26.14
CA GLY D 54 -20.40 19.91 25.16
C GLY D 54 -21.88 19.72 25.38
N ARG D 55 -22.43 18.79 24.61
CA ARG D 55 -23.83 18.41 24.79
C ARG D 55 -23.99 16.99 24.31
N LEU D 56 -25.07 16.34 24.74
CA LEU D 56 -25.36 14.97 24.34
C LEU D 56 -26.23 14.94 23.10
N ILE D 57 -26.14 13.83 22.37
CA ILE D 57 -27.08 13.53 21.29
C ILE D 57 -27.27 12.02 21.22
N GLN D 58 -28.49 11.60 20.88
CA GLN D 58 -28.85 10.19 20.82
C GLN D 58 -29.34 9.83 19.42
N PHE D 59 -28.81 8.74 18.88
CA PHE D 59 -29.39 8.12 17.70
C PHE D 59 -28.71 6.78 17.45
N ASP D 60 -29.40 5.92 16.72
CA ASP D 60 -28.87 4.63 16.26
C ASP D 60 -28.24 4.82 14.90
N ILE D 61 -26.92 4.61 14.80
CA ILE D 61 -26.23 4.87 13.55
C ILE D 61 -26.66 3.92 12.43
N SER D 62 -27.36 2.84 12.78
CA SER D 62 -27.90 1.91 11.80
C SER D 62 -29.20 2.40 11.17
N ASN D 63 -29.86 3.39 11.78
CA ASN D 63 -31.15 3.89 11.33
C ASN D 63 -30.93 5.20 10.56
N ARG D 64 -30.87 5.12 9.23
CA ARG D 64 -30.59 6.29 8.43
C ARG D 64 -31.57 7.42 8.75
N GLU D 65 -32.84 7.07 8.93
CA GLU D 65 -33.87 8.07 9.19
C GLU D 65 -33.65 8.76 10.53
N GLU D 66 -33.45 7.98 11.59
CA GLU D 66 -33.19 8.55 12.90
C GLU D 66 -31.97 9.46 12.86
N CYS D 67 -30.88 8.98 12.25
CA CYS D 67 -29.68 9.79 12.11
C CYS D 67 -30.00 11.12 11.43
N ARG D 68 -30.69 11.08 10.30
CA ARG D 68 -30.93 12.30 9.55
C ARG D 68 -31.75 13.28 10.37
N THR D 69 -32.84 12.80 10.99
CA THR D 69 -33.70 13.71 11.73
C THR D 69 -32.95 14.33 12.90
N LYS D 70 -32.27 13.50 13.71
CA LYS D 70 -31.57 14.04 14.87
C LYS D 70 -30.45 14.99 14.46
N LEU D 71 -29.67 14.63 13.44
CA LEU D 71 -28.55 15.49 13.06
C LEU D 71 -29.04 16.78 12.42
N GLU D 72 -30.02 16.70 11.52
CA GLU D 72 -30.57 17.92 10.95
C GLU D 72 -31.12 18.83 12.05
N ALA D 73 -31.87 18.28 13.01
CA ALA D 73 -32.40 19.10 14.10
C ALA D 73 -31.27 19.74 14.90
N ASP D 74 -30.25 18.95 15.26
CA ASP D 74 -29.15 19.47 16.06
C ASP D 74 -28.41 20.57 15.32
N ILE D 75 -28.15 20.37 14.02
CA ILE D 75 -27.46 21.37 13.22
C ILE D 75 -28.31 22.63 13.08
N ALA D 76 -29.62 22.46 12.87
CA ALA D 76 -30.50 23.60 12.75
C ALA D 76 -30.43 24.47 13.99
N GLU D 77 -30.37 23.84 15.17
CA GLU D 77 -30.33 24.65 16.38
C GLU D 77 -28.95 25.25 16.64
N HIS D 78 -27.88 24.48 16.46
CA HIS D 78 -26.57 24.90 16.92
C HIS D 78 -25.60 25.28 15.80
N GLY D 79 -25.99 25.08 14.54
CA GLY D 79 -25.07 25.30 13.44
C GLY D 79 -24.26 24.06 13.10
N ALA D 80 -23.69 24.06 11.90
CA ALA D 80 -23.00 22.88 11.40
C ALA D 80 -21.79 22.57 12.27
N TYR D 81 -21.47 21.28 12.36
CA TYR D 81 -20.26 20.85 13.04
C TYR D 81 -19.03 21.32 12.27
N TYR D 82 -17.96 21.60 13.03
CA TYR D 82 -16.65 21.78 12.41
C TYR D 82 -15.97 20.44 12.18
N GLY D 83 -16.15 19.50 13.09
CA GLY D 83 -15.56 18.18 12.95
C GLY D 83 -16.55 17.07 13.22
N VAL D 84 -16.34 15.95 12.52
CA VAL D 84 -17.12 14.73 12.73
C VAL D 84 -16.15 13.56 12.86
N VAL D 85 -16.25 12.84 13.97
CA VAL D 85 -15.49 11.62 14.24
C VAL D 85 -16.49 10.48 14.27
N ASN D 86 -16.35 9.55 13.35
CA ASN D 86 -17.25 8.40 13.19
C ASN D 86 -16.51 7.15 13.64
N ASN D 87 -16.85 6.66 14.84
CA ASN D 87 -16.15 5.54 15.44
C ASN D 87 -16.70 4.20 14.95
N ALA D 88 -15.94 3.15 15.22
CA ALA D 88 -16.25 1.81 14.71
C ALA D 88 -16.83 0.93 15.81
N GLY D 89 -17.60 -0.08 15.38
CA GLY D 89 -18.16 -1.05 16.29
C GLY D 89 -17.16 -2.13 16.66
N ILE D 90 -17.67 -3.13 17.37
CA ILE D 90 -16.84 -4.23 17.86
C ILE D 90 -16.89 -5.37 16.85
N THR D 91 -15.76 -6.05 16.69
CA THR D 91 -15.63 -7.12 15.71
C THR D 91 -16.15 -8.45 16.27
N ARG D 92 -16.45 -9.37 15.35
CA ARG D 92 -16.99 -10.69 15.66
C ARG D 92 -16.39 -11.68 14.68
N ASP D 93 -16.03 -12.86 15.18
CA ASP D 93 -15.50 -13.91 14.32
C ASP D 93 -16.66 -14.70 13.72
N THR D 94 -16.59 -14.91 12.40
CA THR D 94 -17.48 -15.86 11.75
C THR D 94 -16.79 -16.37 10.50
N ALA D 95 -16.59 -17.68 10.42
CA ALA D 95 -16.13 -18.28 9.18
C ALA D 95 -17.12 -17.95 8.06
N PHE D 96 -16.60 -17.68 6.87
CA PHE D 96 -17.47 -17.33 5.76
C PHE D 96 -18.48 -18.42 5.44
N PRO D 97 -18.12 -19.71 5.38
CA PRO D 97 -19.15 -20.72 5.05
C PRO D 97 -20.31 -20.75 6.03
N ALA D 98 -20.05 -20.54 7.32
CA ALA D 98 -21.12 -20.56 8.32
C ALA D 98 -21.84 -19.22 8.45
N MET D 99 -21.28 -18.14 7.90
CA MET D 99 -21.88 -16.83 8.04
C MET D 99 -23.29 -16.80 7.46
N THR D 100 -24.20 -16.15 8.18
CA THR D 100 -25.59 -16.07 7.75
C THR D 100 -25.82 -14.80 6.94
N GLU D 101 -26.93 -14.81 6.20
CA GLU D 101 -27.40 -13.59 5.54
C GLU D 101 -27.37 -12.41 6.51
N GLU D 102 -27.88 -12.63 7.73
CA GLU D 102 -28.02 -11.53 8.68
C GLU D 102 -26.68 -11.04 9.20
N GLU D 103 -25.72 -11.94 9.42
CA GLU D 103 -24.42 -11.51 9.89
C GLU D 103 -23.72 -10.63 8.85
N TRP D 104 -23.77 -11.05 7.59
CA TRP D 104 -23.20 -10.25 6.50
C TRP D 104 -23.91 -8.91 6.37
N ASP D 105 -25.23 -8.96 6.12
CA ASP D 105 -25.98 -7.74 5.87
C ASP D 105 -25.89 -6.79 7.06
N GLY D 106 -26.00 -7.32 8.28
CA GLY D 106 -25.95 -6.47 9.44
C GLY D 106 -24.63 -5.78 9.61
N VAL D 107 -23.52 -6.49 9.33
CA VAL D 107 -22.23 -5.82 9.47
C VAL D 107 -22.06 -4.77 8.39
N ILE D 108 -22.46 -5.07 7.15
CA ILE D 108 -22.37 -4.05 6.11
C ILE D 108 -23.21 -2.83 6.52
N HIS D 109 -24.42 -3.08 7.01
CA HIS D 109 -25.37 -2.01 7.31
C HIS D 109 -24.91 -1.16 8.48
N THR D 110 -24.24 -1.77 9.46
CA THR D 110 -23.85 -1.01 10.64
C THR D 110 -22.48 -0.36 10.46
N ASN D 111 -21.53 -1.06 9.85
CA ASN D 111 -20.15 -0.62 9.81
C ASN D 111 -19.78 0.12 8.52
N LEU D 112 -20.52 -0.11 7.43
CA LEU D 112 -20.26 0.60 6.18
C LEU D 112 -21.32 1.67 5.92
N ASP D 113 -22.60 1.30 5.88
CA ASP D 113 -23.65 2.29 5.66
C ASP D 113 -23.55 3.43 6.67
N SER D 114 -23.00 3.14 7.85
CA SER D 114 -22.57 4.17 8.80
C SER D 114 -22.08 5.44 8.12
N PHE D 115 -21.16 5.28 7.17
CA PHE D 115 -20.53 6.38 6.47
C PHE D 115 -21.59 7.32 5.90
N TYR D 116 -22.57 6.75 5.20
CA TYR D 116 -23.62 7.60 4.63
C TYR D 116 -24.50 8.15 5.73
N ASN D 117 -24.92 7.31 6.69
CA ASN D 117 -25.98 7.71 7.60
C ASN D 117 -25.53 8.86 8.48
N VAL D 118 -24.29 8.82 8.94
CA VAL D 118 -23.79 9.86 9.83
C VAL D 118 -23.25 11.04 9.04
N LEU D 119 -22.47 10.80 7.98
CA LEU D 119 -21.78 11.90 7.33
C LEU D 119 -22.64 12.69 6.36
N HIS D 120 -23.59 12.06 5.67
CA HIS D 120 -24.33 12.78 4.64
C HIS D 120 -25.10 13.96 5.21
N PRO D 121 -25.78 13.85 6.36
CA PRO D 121 -26.42 15.06 6.93
C PRO D 121 -25.42 16.14 7.35
N CYS D 122 -24.14 15.80 7.49
CA CYS D 122 -23.17 16.73 8.04
C CYS D 122 -22.33 17.43 6.99
N VAL D 123 -22.13 16.85 5.81
CA VAL D 123 -21.12 17.38 4.91
C VAL D 123 -21.55 18.73 4.32
N MET D 124 -22.73 18.78 3.70
CA MET D 124 -23.11 20.02 3.02
C MET D 124 -23.22 21.18 3.99
N PRO D 125 -23.81 21.03 5.19
CA PRO D 125 -23.73 22.11 6.18
C PRO D 125 -22.30 22.54 6.45
N MET D 126 -21.39 21.59 6.68
CA MET D 126 -19.98 21.95 6.84
C MET D 126 -19.52 22.81 5.67
N VAL D 127 -19.75 22.32 4.45
CA VAL D 127 -19.34 23.07 3.26
C VAL D 127 -19.95 24.46 3.28
N GLN D 128 -21.22 24.58 3.70
CA GLN D 128 -21.88 25.86 3.59
C GLN D 128 -21.38 26.85 4.63
N LYS D 129 -20.85 26.37 5.76
CA LYS D 129 -20.36 27.30 6.77
C LYS D 129 -19.07 27.99 6.34
N ARG D 130 -18.33 27.41 5.40
CA ARG D 130 -17.14 28.02 4.81
C ARG D 130 -16.08 28.35 5.86
N LYS D 131 -15.90 27.44 6.82
CA LYS D 131 -14.84 27.56 7.80
C LYS D 131 -13.91 26.35 7.77
N GLY D 132 -13.92 25.58 6.68
CA GLY D 132 -13.13 24.37 6.62
C GLY D 132 -13.76 23.30 7.50
N GLY D 133 -12.96 22.33 7.89
CA GLY D 133 -13.48 21.27 8.74
C GLY D 133 -12.57 20.06 8.76
N ARG D 134 -13.02 19.08 9.56
CA ARG D 134 -12.29 17.85 9.79
C ARG D 134 -13.28 16.70 9.84
N ILE D 135 -13.02 15.65 9.07
CA ILE D 135 -13.75 14.40 9.18
C ILE D 135 -12.74 13.28 9.43
N VAL D 136 -12.99 12.49 10.47
CA VAL D 136 -12.13 11.35 10.80
C VAL D 136 -13.03 10.13 10.99
N THR D 137 -12.82 9.10 10.17
CA THR D 137 -13.44 7.80 10.36
C THR D 137 -12.47 6.89 11.10
N LEU D 138 -13.02 5.94 11.85
CA LEU D 138 -12.22 4.97 12.58
C LEU D 138 -12.53 3.58 12.04
N ALA D 139 -11.51 2.90 11.52
CA ALA D 139 -11.69 1.53 11.05
C ALA D 139 -12.06 0.63 12.23
N VAL D 141 -10.66 -2.50 14.13
CA VAL D 141 -9.49 -3.21 14.65
C VAL D 141 -8.84 -3.99 13.51
N SER D 142 -7.60 -3.64 13.16
CA SER D 142 -6.96 -4.12 11.95
C SER D 142 -5.56 -4.65 12.25
N GLY D 143 -5.14 -5.66 11.47
CA GLY D 143 -3.79 -6.14 11.49
C GLY D 143 -3.57 -7.54 12.05
N LEU D 144 -4.57 -8.15 12.68
CA LEU D 144 -4.32 -9.40 13.40
C LEU D 144 -4.31 -10.59 12.44
N MET D 145 -3.69 -11.68 12.92
CA MET D 145 -3.56 -12.91 12.15
C MET D 145 -4.19 -14.07 12.91
N GLY D 146 -4.62 -15.08 12.16
CA GLY D 146 -5.08 -16.33 12.74
C GLY D 146 -6.56 -16.41 13.02
N ASN D 147 -7.36 -15.50 12.47
CA ASN D 147 -8.79 -15.46 12.75
C ASN D 147 -9.48 -16.74 12.26
N ARG D 148 -10.71 -16.92 12.74
CA ARG D 148 -11.65 -17.88 12.19
C ARG D 148 -12.54 -17.25 11.12
N GLY D 149 -12.19 -16.06 10.63
CA GLY D 149 -13.00 -15.42 9.60
C GLY D 149 -13.59 -14.10 10.07
N GLN D 150 -13.36 -13.06 9.26
CA GLN D 150 -13.95 -11.76 9.50
C GLN D 150 -14.24 -11.07 8.16
N THR D 151 -14.69 -11.85 7.17
CA THR D 151 -14.86 -11.30 5.83
C THR D 151 -15.80 -10.09 5.84
N ASN D 152 -16.86 -10.13 6.65
CA ASN D 152 -17.85 -9.06 6.62
C ASN D 152 -17.31 -7.80 7.29
N TYR D 153 -16.69 -7.94 8.47
CA TYR D 153 -16.09 -6.78 9.11
C TYR D 153 -14.97 -6.18 8.28
N SER D 154 -14.13 -7.01 7.65
CA SER D 154 -13.04 -6.47 6.85
C SER D 154 -13.56 -5.84 5.58
N ALA D 155 -14.65 -6.38 5.01
CA ALA D 155 -15.28 -5.72 3.87
C ALA D 155 -15.78 -4.34 4.25
N ALA D 156 -16.46 -4.23 5.39
CA ALA D 156 -17.00 -2.94 5.81
C ALA D 156 -15.89 -1.94 6.10
N LYS D 157 -14.84 -2.38 6.78
CA LYS D 157 -13.74 -1.48 7.13
C LYS D 157 -12.96 -1.03 5.88
N ALA D 158 -12.70 -1.95 4.94
CA ALA D 158 -12.07 -1.55 3.69
C ALA D 158 -12.97 -0.59 2.91
N GLY D 159 -14.28 -0.82 2.96
CA GLY D 159 -15.20 0.10 2.32
C GLY D 159 -15.19 1.48 2.96
N VAL D 160 -15.11 1.52 4.29
CA VAL D 160 -15.00 2.80 4.97
C VAL D 160 -13.75 3.54 4.52
N ILE D 161 -12.63 2.82 4.39
CA ILE D 161 -11.40 3.46 3.96
C ILE D 161 -11.55 4.04 2.55
N GLY D 162 -12.16 3.27 1.64
CA GLY D 162 -12.35 3.76 0.29
C GLY D 162 -13.28 4.97 0.23
N ALA D 163 -14.39 4.90 0.95
CA ALA D 163 -15.28 6.06 1.05
C ALA D 163 -14.54 7.27 1.58
N THR D 164 -13.72 7.07 2.62
CA THR D 164 -12.99 8.19 3.21
C THR D 164 -12.07 8.85 2.20
N LYS D 165 -11.22 8.06 1.54
CA LYS D 165 -10.29 8.62 0.56
C LYS D 165 -11.01 9.36 -0.56
N SER D 166 -12.12 8.80 -1.04
CA SER D 166 -12.88 9.47 -2.09
C SER D 166 -13.47 10.79 -1.61
N LEU D 167 -14.06 10.79 -0.41
CA LEU D 167 -14.63 12.02 0.12
C LEU D 167 -13.54 13.06 0.32
N ALA D 168 -12.36 12.62 0.76
CA ALA D 168 -11.22 13.52 0.87
C ALA D 168 -10.98 14.23 -0.46
N LEU D 169 -10.98 13.46 -1.54
CA LEU D 169 -10.78 14.06 -2.86
C LEU D 169 -11.86 15.09 -3.16
N GLU D 170 -13.10 14.81 -2.76
CA GLU D 170 -14.18 15.75 -3.11
C GLU D 170 -14.07 17.05 -2.32
N LEU D 171 -13.73 16.96 -1.03
CA LEU D 171 -13.78 18.11 -0.14
C LEU D 171 -12.44 18.80 0.03
N ALA D 172 -11.38 18.32 -0.64
CA ALA D 172 -10.08 18.98 -0.55
C ALA D 172 -10.20 20.47 -0.80
N LYS D 173 -10.87 20.86 -1.89
CA LYS D 173 -10.96 22.26 -2.26
C LYS D 173 -11.59 23.11 -1.17
N ARG D 174 -12.37 22.51 -0.29
CA ARG D 174 -13.11 23.25 0.74
C ARG D 174 -12.34 23.39 2.04
N LYS D 175 -11.07 23.02 2.06
CA LYS D 175 -10.25 23.05 3.27
C LYS D 175 -10.84 22.16 4.36
N ILE D 176 -11.52 21.09 3.93
CA ILE D 176 -11.94 20.01 4.82
C ILE D 176 -11.00 18.83 4.59
N THR D 177 -10.33 18.37 5.65
CA THR D 177 -9.54 17.15 5.56
C THR D 177 -10.39 15.96 5.97
N VAL D 178 -10.12 14.82 5.33
CA VAL D 178 -10.88 13.59 5.54
C VAL D 178 -9.86 12.48 5.63
N ASN D 179 -9.78 11.83 6.79
CA ASN D 179 -8.77 10.82 7.07
C ASN D 179 -9.41 9.68 7.85
N CYS D 180 -8.72 8.55 7.87
CA CYS D 180 -9.14 7.39 8.62
C CYS D 180 -8.04 6.97 9.58
N VAL D 181 -8.43 6.62 10.79
CA VAL D 181 -7.50 6.12 11.81
C VAL D 181 -7.80 4.64 12.01
N ALA D 182 -6.76 3.80 11.90
CA ALA D 182 -6.89 2.35 12.01
C ALA D 182 -6.13 1.85 13.23
N PRO D 183 -6.81 1.69 14.37
CA PRO D 183 -6.13 1.21 15.56
C PRO D 183 -5.82 -0.28 15.48
N GLY D 184 -4.76 -0.67 16.18
CA GLY D 184 -4.50 -2.09 16.41
C GLY D 184 -5.35 -2.59 17.55
N LEU D 185 -4.78 -3.44 18.41
CA LEU D 185 -5.51 -3.95 19.56
C LEU D 185 -5.43 -2.95 20.70
N ILE D 186 -6.59 -2.42 21.09
CA ILE D 186 -6.67 -1.36 22.10
C ILE D 186 -7.32 -1.92 23.35
N ASP D 187 -6.76 -1.56 24.51
CA ASP D 187 -7.28 -2.03 25.80
C ASP D 187 -8.48 -1.17 26.18
N THR D 188 -9.67 -1.63 25.78
CA THR D 188 -10.91 -0.98 26.16
C THR D 188 -11.49 -1.56 27.45
N GLY D 189 -10.78 -2.47 28.11
CA GLY D 189 -11.24 -3.08 29.34
C GLY D 189 -12.17 -4.26 29.17
N MET D 190 -12.60 -4.53 27.93
CA MET D 190 -13.49 -5.64 27.61
C MET D 190 -12.84 -6.62 26.67
N VAL D 191 -11.52 -6.72 26.70
CA VAL D 191 -10.84 -7.53 25.69
C VAL D 191 -10.77 -8.97 26.17
N ASP D 192 -11.17 -9.90 25.30
CA ASP D 192 -11.11 -11.32 25.63
C ASP D 192 -9.68 -11.73 25.97
N GLU D 193 -9.55 -12.55 27.03
CA GLU D 193 -8.24 -13.03 27.43
C GLU D 193 -7.57 -13.83 26.31
N HIS D 194 -8.34 -14.65 25.60
CA HIS D 194 -7.81 -15.43 24.50
C HIS D 194 -7.21 -14.53 23.43
N VAL D 195 -7.90 -13.42 23.10
CA VAL D 195 -7.43 -12.52 22.07
C VAL D 195 -6.13 -11.85 22.50
N LYS D 196 -6.06 -11.39 23.75
CA LYS D 196 -4.82 -10.82 24.26
C LYS D 196 -3.66 -11.81 24.07
N GLU D 197 -3.87 -13.05 24.51
CA GLU D 197 -2.82 -14.07 24.42
C GLU D 197 -2.39 -14.28 22.97
N HIS D 198 -3.35 -14.45 22.06
CA HIS D 198 -3.00 -14.75 20.68
C HIS D 198 -2.37 -13.55 19.97
N ALA D 199 -2.76 -12.34 20.33
CA ALA D 199 -2.32 -11.18 19.58
C ALA D 199 -0.96 -10.68 20.04
N MET D 200 -0.67 -10.72 21.33
CA MET D 200 0.50 -10.02 21.83
C MET D 200 1.81 -10.41 21.13
N PRO D 201 2.09 -11.67 20.81
CA PRO D 201 3.35 -11.97 20.12
C PRO D 201 3.43 -11.39 18.71
N GLN D 202 2.30 -11.00 18.13
CA GLN D 202 2.27 -10.36 16.82
C GLN D 202 2.51 -8.85 16.90
N ILE D 203 2.54 -8.28 18.09
CA ILE D 203 2.60 -6.83 18.27
C ILE D 203 4.04 -6.47 18.66
N PRO D 204 4.81 -5.81 17.79
CA PRO D 204 6.19 -5.46 18.17
C PRO D 204 6.30 -4.80 19.53
N LEU D 205 5.39 -3.88 19.86
CA LEU D 205 5.44 -3.22 21.16
C LEU D 205 5.11 -4.16 22.31
N ARG D 206 4.57 -5.34 22.03
CA ARG D 206 4.29 -6.35 23.06
C ARG D 206 3.34 -5.82 24.14
N ARG D 207 2.39 -5.00 23.72
CA ARG D 207 1.34 -4.51 24.61
C ARG D 207 0.20 -3.98 23.76
N MET D 208 -0.99 -4.00 24.34
CA MET D 208 -2.13 -3.33 23.74
C MET D 208 -1.92 -1.83 23.78
N GLY D 209 -2.63 -1.13 22.90
CA GLY D 209 -2.65 0.31 22.96
C GLY D 209 -3.65 0.82 23.98
N GLU D 210 -3.48 2.08 24.37
CA GLU D 210 -4.44 2.70 25.26
C GLU D 210 -5.41 3.57 24.46
N PRO D 211 -6.69 3.63 24.85
CA PRO D 211 -7.61 4.53 24.12
C PRO D 211 -7.05 5.94 23.96
N GLU D 212 -6.32 6.44 24.96
CA GLU D 212 -5.76 7.78 24.87
C GLU D 212 -4.69 7.88 23.79
N GLU D 213 -4.08 6.76 23.41
CA GLU D 213 -3.10 6.77 22.32
C GLU D 213 -3.79 6.90 20.96
N VAL D 214 -5.00 6.36 20.82
CA VAL D 214 -5.80 6.63 19.62
C VAL D 214 -6.27 8.09 19.63
N ALA D 215 -6.77 8.53 20.78
CA ALA D 215 -7.27 9.90 20.87
C ALA D 215 -6.18 10.93 20.56
N GLY D 216 -4.93 10.66 20.91
CA GLY D 216 -3.87 11.60 20.58
C GLY D 216 -3.70 11.80 19.09
N LEU D 217 -3.88 10.73 18.31
CA LEU D 217 -3.75 10.83 16.87
C LEU D 217 -4.96 11.55 16.27
N VAL D 218 -6.14 11.28 16.83
CA VAL D 218 -7.32 12.02 16.40
C VAL D 218 -7.16 13.51 16.72
N SER D 219 -6.61 13.80 17.89
CA SER D 219 -6.32 15.18 18.29
C SER D 219 -5.38 15.84 17.31
N TYR D 220 -4.31 15.15 16.91
CA TYR D 220 -3.41 15.72 15.93
C TYR D 220 -4.16 16.04 14.63
N LEU D 221 -4.96 15.10 14.13
CA LEU D 221 -5.64 15.34 12.86
C LEU D 221 -6.63 16.49 12.96
N MET D 222 -7.30 16.62 14.11
CA MET D 222 -8.24 17.72 14.31
C MET D 222 -7.54 19.07 14.40
N SER D 223 -6.24 19.09 14.69
CA SER D 223 -5.54 20.34 14.95
C SER D 223 -5.34 21.15 13.67
N ASP D 224 -5.25 22.47 13.85
CA ASP D 224 -5.12 23.37 12.71
C ASP D 224 -3.88 23.05 11.87
N ILE D 225 -2.78 22.66 12.52
CA ILE D 225 -1.53 22.43 11.80
C ILE D 225 -1.60 21.21 10.89
N ALA D 226 -2.64 20.40 11.04
CA ALA D 226 -2.80 19.17 10.26
C ALA D 226 -3.61 19.37 8.98
N GLY D 227 -3.76 20.61 8.53
CA GLY D 227 -4.60 20.93 7.38
C GLY D 227 -4.07 20.45 6.04
N TYR D 228 -2.85 19.95 5.99
CA TYR D 228 -2.29 19.41 4.76
C TYR D 228 -2.28 17.88 4.75
N VAL D 229 -2.83 17.27 5.80
CA VAL D 229 -2.98 15.82 5.87
C VAL D 229 -4.42 15.49 5.48
N THR D 230 -4.59 14.80 4.36
CA THR D 230 -5.92 14.38 3.95
C THR D 230 -5.79 13.18 3.01
N ARG D 231 -6.86 12.39 2.93
CA ARG D 231 -6.93 11.19 2.12
C ARG D 231 -6.06 10.06 2.65
N GLN D 232 -5.76 10.07 3.95
CA GLN D 232 -4.81 9.13 4.51
C GLN D 232 -5.48 8.14 5.47
N VAL D 233 -4.92 6.93 5.52
CA VAL D 233 -5.20 5.96 6.56
C VAL D 233 -3.95 5.85 7.43
N ILE D 234 -4.07 6.24 8.70
CA ILE D 234 -2.94 6.29 9.63
C ILE D 234 -3.20 5.27 10.72
N SER D 235 -2.28 4.35 10.90
CA SER D 235 -2.45 3.23 11.82
C SER D 235 -1.76 3.51 13.15
N VAL D 236 -2.47 3.25 14.23
CA VAL D 236 -1.94 3.39 15.58
C VAL D 236 -2.05 2.01 16.22
N ASN D 237 -1.02 1.18 16.03
CA ASN D 237 -1.18 -0.24 16.24
C ASN D 237 0.06 -0.91 16.83
N GLY D 238 1.03 -0.14 17.32
CA GLY D 238 2.19 -0.73 17.95
C GLY D 238 3.12 -1.48 17.03
N GLY D 239 3.04 -1.24 15.72
CA GLY D 239 3.87 -1.91 14.75
C GLY D 239 3.25 -3.15 14.14
N LEU D 240 1.99 -3.43 14.46
CA LEU D 240 1.34 -4.64 13.98
C LEU D 240 1.42 -4.78 12.47
N VAL D 241 1.20 -3.68 11.74
CA VAL D 241 1.33 -3.68 10.29
C VAL D 241 1.88 -2.33 9.82
C1 PEG E . 26.66 -16.10 -9.80
O1 PEG E . 27.89 -16.52 -9.28
C2 PEG E . 25.48 -16.77 -8.99
O2 PEG E . 25.75 -16.72 -7.59
C3 PEG E . 25.86 -15.38 -7.04
C4 PEG E . 25.72 -15.48 -5.56
O4 PEG E . 25.81 -16.89 -5.16
H11 PEG E . 26.58 -15.13 -9.73
H12 PEG E . 26.60 -16.37 -10.74
HO1 PEG E . 27.77 -16.98 -8.58
H21 PEG E . 25.39 -17.70 -9.26
H22 PEG E . 24.65 -16.30 -9.18
H31 PEG E . 25.16 -14.82 -7.39
H32 PEG E . 26.73 -15.00 -7.26
H41 PEG E . 26.44 -14.97 -5.13
H42 PEG E . 24.86 -15.11 -5.30
HO4 PEG E . 26.17 -17.34 -5.79
C1 PEG F . 32.32 -14.51 -20.52
O1 PEG F . 31.20 -13.80 -21.02
C2 PEG F . 32.29 -15.98 -21.07
O2 PEG F . 31.21 -16.76 -20.51
C3 PEG F . 31.19 -18.15 -20.92
C4 PEG F . 31.37 -19.02 -19.72
O4 PEG F . 31.65 -20.43 -20.10
H11 PEG F . 33.13 -14.07 -20.81
H12 PEG F . 32.28 -14.52 -19.55
HO1 PEG F . 31.13 -13.06 -20.59
H21 PEG F . 33.13 -16.42 -20.84
H22 PEG F . 32.20 -15.96 -22.04
H31 PEG F . 30.34 -18.36 -21.35
H32 PEG F . 31.92 -18.32 -21.54
H41 PEG F . 32.11 -18.68 -19.19
H42 PEG F . 30.56 -18.99 -19.20
HO4 PEG F . 31.99 -20.84 -19.44
#